data_5URC
#
_entry.id   5URC
#
_cell.length_a   62.642
_cell.length_b   83.328
_cell.length_c   104.954
_cell.angle_alpha   90.00
_cell.angle_beta   90.00
_cell.angle_gamma   90.00
#
_symmetry.space_group_name_H-M   'P 21 21 21'
#
loop_
_entity.id
_entity.type
_entity.pdbx_description
1 polymer 'Hemoglobin subunit alpha'
2 polymer 'Hemoglobin subunit beta'
3 non-polymer 'CARBON MONOXIDE'
4 non-polymer 'PROTOPORPHYRIN IX CONTAINING FE'
5 non-polymer '(5-formylfuran-2-yl)methyl acetate'
6 non-polymer 5-HYDROXYMETHYL-FURFURAL
7 water water
#
loop_
_entity_poly.entity_id
_entity_poly.type
_entity_poly.pdbx_seq_one_letter_code
_entity_poly.pdbx_strand_id
1 'polypeptide(L)'
;VLSPADKTNVKAAWGKVGAHAGEYGAEALERMFLSFPTTKTYFPHFDLSHGSAQVKGHGKKVADALTNAVAHVDDMPNAL
SALSDLHAHKLRVDPVNFKLLSHCLLVTLAAHLPAEFTPAVHASLDKFLASVSTVLTSKYR
;
A,C
2 'polypeptide(L)'
;VHLTPEEKSAVTALWGKVNVDEVGGEALGRLLVVYPWTQRFFESFGDLSTPDAVMGNPKVKAHGKKVLGAFSDGLAHLDN
LKGTFATLSELHCDKLHVDPENFRLLGNVLVCVLAHHFGKEFTPPVQAAYQKVVAGVANALAHKYH
;
B,D
#
loop_
_chem_comp.id
_chem_comp.type
_chem_comp.name
_chem_comp.formula
8MV non-polymer '(5-formylfuran-2-yl)methyl acetate' 'C8 H8 O4'
CMO non-polymer 'CARBON MONOXIDE' 'C O'
FUX non-polymer 5-HYDROXYMETHYL-FURFURAL 'C6 H6 O3'
HEM non-polymer 'PROTOPORPHYRIN IX CONTAINING FE' 'C34 H32 Fe N4 O4'
#
# COMPACT_ATOMS: atom_id res chain seq x y z
N VAL A 1 6.10 -9.13 10.26
CA VAL A 1 6.68 -9.98 11.28
C VAL A 1 7.81 -10.83 10.70
N LEU A 2 9.00 -10.70 11.27
CA LEU A 2 10.18 -11.44 10.80
C LEU A 2 10.32 -12.81 11.46
N SER A 3 10.69 -13.80 10.67
CA SER A 3 10.89 -15.14 11.18
C SER A 3 12.33 -15.23 11.67
N PRO A 4 12.66 -16.28 12.42
CA PRO A 4 14.04 -16.40 12.89
C PRO A 4 14.99 -16.39 11.70
N ALA A 5 14.54 -16.98 10.59
CA ALA A 5 15.33 -17.04 9.38
C ALA A 5 15.49 -15.65 8.76
N ASP A 6 14.42 -14.85 8.79
CA ASP A 6 14.50 -13.49 8.23
C ASP A 6 15.57 -12.71 8.97
N LYS A 7 15.57 -12.83 10.30
CA LYS A 7 16.52 -12.12 11.14
C LYS A 7 17.98 -12.49 10.84
N THR A 8 18.25 -13.78 10.67
CA THR A 8 19.61 -14.20 10.37
C THR A 8 20.01 -13.82 8.94
N ASN A 9 19.06 -13.80 8.02
CA ASN A 9 19.36 -13.40 6.64
C ASN A 9 19.74 -11.93 6.61
N VAL A 10 18.98 -11.12 7.31
CA VAL A 10 19.25 -9.69 7.35
C VAL A 10 20.59 -9.39 8.02
N LYS A 11 20.86 -10.07 9.14
CA LYS A 11 22.11 -9.87 9.85
C LYS A 11 23.31 -10.23 8.97
N ALA A 12 23.21 -11.34 8.25
CA ALA A 12 24.31 -11.76 7.39
C ALA A 12 24.54 -10.82 6.19
N ALA A 13 23.45 -10.41 5.54
CA ALA A 13 23.53 -9.53 4.38
C ALA A 13 23.98 -8.12 4.75
N TRP A 14 23.27 -7.49 5.67
CA TRP A 14 23.64 -6.14 6.08
C TRP A 14 25.02 -6.10 6.72
N GLY A 15 25.42 -7.22 7.32
CA GLY A 15 26.73 -7.28 7.96
C GLY A 15 27.86 -7.14 6.95
N LYS A 16 27.56 -7.35 5.67
CA LYS A 16 28.56 -7.23 4.62
C LYS A 16 28.82 -5.77 4.23
N VAL A 17 27.89 -4.89 4.59
CA VAL A 17 28.05 -3.47 4.28
C VAL A 17 29.34 -2.94 4.90
N GLY A 18 29.52 -3.22 6.19
CA GLY A 18 30.73 -2.79 6.89
C GLY A 18 31.12 -1.33 6.68
N ALA A 19 32.37 -1.14 6.26
CA ALA A 19 32.92 0.19 6.01
C ALA A 19 32.28 0.90 4.83
N HIS A 20 31.35 0.23 4.16
CA HIS A 20 30.67 0.81 3.00
C HIS A 20 29.34 1.47 3.41
N ALA A 21 29.12 1.58 4.72
CA ALA A 21 27.89 2.18 5.24
C ALA A 21 27.53 3.51 4.58
N GLY A 22 28.41 4.50 4.71
CA GLY A 22 28.15 5.80 4.13
C GLY A 22 28.03 5.78 2.62
N GLU A 23 28.88 4.98 1.97
CA GLU A 23 28.85 4.88 0.53
C GLU A 23 27.52 4.34 0.05
N TYR A 24 27.08 3.24 0.65
CA TYR A 24 25.82 2.61 0.27
C TYR A 24 24.61 3.43 0.66
N GLY A 25 24.66 4.02 1.85
CA GLY A 25 23.55 4.85 2.30
C GLY A 25 23.41 6.06 1.39
N ALA A 26 24.53 6.69 1.06
CA ALA A 26 24.53 7.85 0.17
C ALA A 26 23.99 7.48 -1.21
N GLU A 27 24.40 6.32 -1.71
CA GLU A 27 23.95 5.85 -3.01
C GLU A 27 22.45 5.58 -3.01
N ALA A 28 21.96 4.96 -1.94
CA ALA A 28 20.53 4.65 -1.86
C ALA A 28 19.72 5.94 -1.93
N LEU A 29 20.19 6.97 -1.25
CA LEU A 29 19.50 8.26 -1.24
C LEU A 29 19.57 8.89 -2.63
N GLU A 30 20.76 8.89 -3.23
CA GLU A 30 20.94 9.46 -4.56
C GLU A 30 20.02 8.77 -5.56
N ARG A 31 19.88 7.46 -5.43
CA ARG A 31 19.00 6.70 -6.33
C ARG A 31 17.55 7.14 -6.12
N MET A 32 17.18 7.36 -4.86
CA MET A 32 15.82 7.79 -4.55
C MET A 32 15.53 9.20 -5.08
N PHE A 33 16.44 10.13 -4.82
CA PHE A 33 16.25 11.51 -5.28
C PHE A 33 16.16 11.63 -6.80
N LEU A 34 17.00 10.88 -7.50
CA LEU A 34 17.00 10.90 -8.97
C LEU A 34 15.84 10.15 -9.59
N SER A 35 15.51 8.99 -9.02
CA SER A 35 14.42 8.18 -9.55
C SER A 35 13.03 8.68 -9.17
N PHE A 36 12.89 9.24 -7.98
CA PHE A 36 11.61 9.73 -7.51
C PHE A 36 11.77 11.16 -6.99
N PRO A 37 11.87 12.13 -7.90
CA PRO A 37 12.05 13.56 -7.60
C PRO A 37 11.19 14.13 -6.47
N THR A 38 9.96 13.65 -6.33
CA THR A 38 9.08 14.16 -5.27
C THR A 38 9.67 13.96 -3.87
N THR A 39 10.49 12.94 -3.69
CA THR A 39 11.09 12.70 -2.39
C THR A 39 12.00 13.86 -1.98
N LYS A 40 12.49 14.60 -2.98
CA LYS A 40 13.38 15.74 -2.69
C LYS A 40 12.71 16.86 -1.90
N THR A 41 11.38 16.90 -1.88
CA THR A 41 10.68 17.97 -1.16
C THR A 41 10.79 17.88 0.36
N TYR A 42 11.29 16.75 0.87
CA TYR A 42 11.46 16.57 2.30
C TYR A 42 12.81 17.13 2.75
N PHE A 43 13.66 17.45 1.78
CA PHE A 43 14.99 17.98 2.07
C PHE A 43 15.21 19.30 1.35
N PRO A 44 14.29 20.27 1.51
CA PRO A 44 14.45 21.56 0.83
C PRO A 44 15.68 22.35 1.25
N HIS A 45 16.10 22.16 2.51
CA HIS A 45 17.24 22.88 3.05
C HIS A 45 18.57 22.22 2.70
N PHE A 46 18.49 21.03 2.10
CA PHE A 46 19.67 20.26 1.72
C PHE A 46 20.25 20.65 0.38
N ASP A 47 21.55 20.38 0.23
CA ASP A 47 22.26 20.60 -1.02
C ASP A 47 22.08 19.21 -1.62
N LEU A 48 21.20 19.08 -2.60
CA LEU A 48 20.93 17.77 -3.19
C LEU A 48 21.67 17.47 -4.49
N SER A 49 22.61 18.31 -4.87
CA SER A 49 23.38 18.10 -6.08
C SER A 49 24.13 16.76 -5.96
N HIS A 50 24.25 16.03 -7.07
CA HIS A 50 24.94 14.74 -7.05
C HIS A 50 26.29 14.82 -6.36
N GLY A 51 26.53 13.90 -5.43
CA GLY A 51 27.81 13.87 -4.75
C GLY A 51 28.01 14.95 -3.70
N SER A 52 26.94 15.65 -3.34
CA SER A 52 27.03 16.70 -2.34
C SER A 52 27.53 16.10 -1.02
N ALA A 53 28.27 16.88 -0.26
CA ALA A 53 28.81 16.43 1.01
C ALA A 53 27.70 16.17 2.01
N GLN A 54 26.66 16.99 1.96
CA GLN A 54 25.55 16.85 2.89
C GLN A 54 24.85 15.51 2.70
N VAL A 55 24.64 15.10 1.45
CA VAL A 55 24.01 13.82 1.17
C VAL A 55 24.91 12.67 1.64
N LYS A 56 26.21 12.79 1.39
CA LYS A 56 27.15 11.75 1.81
C LYS A 56 27.06 11.56 3.32
N GLY A 57 27.09 12.67 4.05
CA GLY A 57 27.04 12.60 5.50
C GLY A 57 25.71 12.04 5.99
N HIS A 58 24.64 12.46 5.35
CA HIS A 58 23.33 11.97 5.75
C HIS A 58 23.17 10.49 5.42
N GLY A 59 23.73 10.08 4.29
CA GLY A 59 23.66 8.69 3.88
C GLY A 59 24.26 7.80 4.97
N LYS A 60 25.30 8.31 5.61
CA LYS A 60 25.98 7.61 6.68
C LYS A 60 25.08 7.44 7.89
N LYS A 61 24.36 8.51 8.24
CA LYS A 61 23.44 8.46 9.38
C LYS A 61 22.35 7.40 9.14
N VAL A 62 21.79 7.39 7.93
CA VAL A 62 20.75 6.43 7.58
C VAL A 62 21.28 5.00 7.65
N ALA A 63 22.45 4.77 7.07
CA ALA A 63 23.07 3.45 7.09
C ALA A 63 23.30 2.96 8.51
N ASP A 64 23.89 3.82 9.35
CA ASP A 64 24.17 3.46 10.74
C ASP A 64 22.89 3.20 11.52
N ALA A 65 21.82 3.90 11.18
CA ALA A 65 20.54 3.72 11.86
C ALA A 65 20.04 2.32 11.53
N LEU A 66 20.23 1.90 10.28
CA LEU A 66 19.79 0.57 9.87
C LEU A 66 20.62 -0.50 10.59
N THR A 67 21.90 -0.23 10.77
CA THR A 67 22.76 -1.17 11.48
C THR A 67 22.25 -1.34 12.91
N ASN A 68 21.83 -0.23 13.52
CA ASN A 68 21.31 -0.27 14.87
C ASN A 68 20.00 -1.05 14.88
N ALA A 69 19.17 -0.85 13.87
CA ALA A 69 17.90 -1.55 13.76
C ALA A 69 18.13 -3.06 13.66
N VAL A 70 19.15 -3.46 12.90
CA VAL A 70 19.46 -4.88 12.76
C VAL A 70 19.84 -5.44 14.13
N ALA A 71 20.61 -4.68 14.89
CA ALA A 71 21.06 -5.11 16.21
C ALA A 71 19.89 -5.23 17.20
N HIS A 72 18.83 -4.43 16.98
CA HIS A 72 17.66 -4.47 17.86
C HIS A 72 16.42 -4.93 17.11
N VAL A 73 16.61 -5.91 16.24
CA VAL A 73 15.52 -6.43 15.45
C VAL A 73 14.37 -6.96 16.29
N ASP A 74 14.64 -7.37 17.53
CA ASP A 74 13.59 -7.89 18.41
C ASP A 74 12.90 -6.82 19.26
N ASP A 75 13.34 -5.57 19.14
CA ASP A 75 12.72 -4.49 19.91
C ASP A 75 12.93 -3.16 19.20
N MET A 76 12.51 -3.11 17.94
CA MET A 76 12.66 -1.90 17.14
C MET A 76 11.83 -0.72 17.62
N PRO A 77 10.56 -0.94 18.00
CA PRO A 77 9.79 0.22 18.46
C PRO A 77 10.54 0.97 19.57
N ASN A 78 11.14 0.22 20.47
CA ASN A 78 11.87 0.81 21.58
C ASN A 78 13.18 1.45 21.11
N ALA A 79 13.95 0.71 20.32
CA ALA A 79 15.23 1.22 19.83
C ALA A 79 15.11 2.37 18.82
N LEU A 80 14.00 2.41 18.09
CA LEU A 80 13.82 3.45 17.08
C LEU A 80 12.87 4.58 17.48
N SER A 81 12.47 4.63 18.74
CA SER A 81 11.54 5.67 19.20
C SER A 81 11.94 7.08 18.79
N ALA A 82 13.23 7.41 18.88
CA ALA A 82 13.69 8.74 18.51
C ALA A 82 13.47 9.03 17.03
N LEU A 83 13.78 8.07 16.18
CA LEU A 83 13.60 8.27 14.75
C LEU A 83 12.12 8.34 14.39
N SER A 84 11.28 7.67 15.18
CA SER A 84 9.84 7.71 14.94
C SER A 84 9.34 9.12 15.25
N ASP A 85 9.86 9.71 16.32
CA ASP A 85 9.45 11.06 16.71
C ASP A 85 9.78 12.00 15.56
N LEU A 86 10.95 11.82 14.98
CA LEU A 86 11.38 12.66 13.87
C LEU A 86 10.55 12.47 12.60
N HIS A 87 10.47 11.23 12.11
CA HIS A 87 9.74 10.98 10.87
C HIS A 87 8.21 10.99 10.93
N ALA A 88 7.64 10.52 12.04
CA ALA A 88 6.18 10.47 12.19
C ALA A 88 5.59 11.72 12.83
N HIS A 89 6.19 12.19 13.92
CA HIS A 89 5.69 13.36 14.63
C HIS A 89 6.07 14.70 14.00
N LYS A 90 7.36 14.91 13.74
CA LYS A 90 7.84 16.16 13.18
C LYS A 90 7.76 16.31 11.66
N LEU A 91 8.34 15.36 10.94
CA LEU A 91 8.38 15.41 9.49
C LEU A 91 7.09 14.98 8.80
N ARG A 92 6.32 14.10 9.45
CA ARG A 92 5.08 13.61 8.89
C ARG A 92 5.29 13.09 7.46
N VAL A 93 6.30 12.24 7.29
CA VAL A 93 6.63 11.67 5.99
C VAL A 93 5.53 10.70 5.54
N ASP A 94 5.10 10.83 4.29
CA ASP A 94 4.07 9.93 3.76
C ASP A 94 4.72 8.56 3.60
N PRO A 95 4.04 7.50 4.06
CA PRO A 95 4.54 6.13 3.97
C PRO A 95 5.01 5.70 2.59
N VAL A 96 4.44 6.28 1.53
CA VAL A 96 4.86 5.87 0.19
C VAL A 96 6.35 6.13 0.00
N ASN A 97 6.85 7.19 0.62
CA ASN A 97 8.26 7.52 0.50
C ASN A 97 9.16 6.46 1.13
N PHE A 98 8.71 5.81 2.18
CA PHE A 98 9.52 4.77 2.80
C PHE A 98 9.63 3.58 1.86
N LYS A 99 8.58 3.34 1.07
CA LYS A 99 8.60 2.24 0.10
C LYS A 99 9.64 2.56 -0.97
N LEU A 100 9.72 3.83 -1.34
CA LEU A 100 10.67 4.25 -2.37
C LEU A 100 12.11 4.11 -1.90
N LEU A 101 12.41 4.59 -0.69
CA LEU A 101 13.79 4.47 -0.20
C LEU A 101 14.14 3.01 0.04
N SER A 102 13.18 2.23 0.55
CA SER A 102 13.42 0.81 0.79
C SER A 102 13.81 0.12 -0.51
N HIS A 103 13.07 0.41 -1.58
CA HIS A 103 13.36 -0.15 -2.89
C HIS A 103 14.78 0.25 -3.34
N CYS A 104 15.15 1.51 -3.15
CA CYS A 104 16.47 1.97 -3.58
C CYS A 104 17.57 1.34 -2.75
N LEU A 105 17.26 0.96 -1.52
CA LEU A 105 18.23 0.31 -0.66
C LEU A 105 18.45 -1.11 -1.17
N LEU A 106 17.37 -1.77 -1.58
CA LEU A 106 17.47 -3.12 -2.12
C LEU A 106 18.27 -3.08 -3.42
N VAL A 107 18.02 -2.07 -4.24
CA VAL A 107 18.74 -1.94 -5.50
C VAL A 107 20.23 -1.77 -5.25
N THR A 108 20.56 -0.94 -4.26
CA THR A 108 21.95 -0.68 -3.92
C THR A 108 22.62 -1.97 -3.44
N LEU A 109 21.93 -2.72 -2.59
CA LEU A 109 22.48 -3.97 -2.08
C LEU A 109 22.66 -4.99 -3.21
N ALA A 110 21.69 -5.06 -4.12
CA ALA A 110 21.77 -5.99 -5.25
C ALA A 110 22.96 -5.65 -6.17
N ALA A 111 23.19 -4.35 -6.37
CA ALA A 111 24.27 -3.88 -7.23
C ALA A 111 25.68 -4.06 -6.64
N HIS A 112 25.78 -4.06 -5.31
CA HIS A 112 27.07 -4.20 -4.63
C HIS A 112 27.35 -5.57 -4.03
N LEU A 113 26.31 -6.28 -3.60
CA LEU A 113 26.48 -7.59 -2.98
C LEU A 113 25.66 -8.69 -3.67
N PRO A 114 25.96 -8.97 -4.94
CA PRO A 114 25.24 -10.00 -5.70
C PRO A 114 25.16 -11.37 -5.05
N ALA A 115 26.22 -11.81 -4.39
CA ALA A 115 26.23 -13.12 -3.74
C ALA A 115 25.33 -13.16 -2.51
N GLU A 116 25.12 -12.00 -1.89
CA GLU A 116 24.28 -11.90 -0.70
C GLU A 116 22.80 -11.77 -1.06
N PHE A 117 22.54 -11.18 -2.22
CA PHE A 117 21.18 -10.90 -2.66
C PHE A 117 20.44 -12.06 -3.32
N THR A 118 20.23 -13.13 -2.56
CA THR A 118 19.50 -14.29 -3.07
C THR A 118 18.00 -13.98 -2.96
N PRO A 119 17.14 -14.80 -3.58
CA PRO A 119 15.70 -14.56 -3.51
C PRO A 119 15.17 -14.56 -2.07
N ALA A 120 15.60 -15.54 -1.28
CA ALA A 120 15.15 -15.62 0.12
C ALA A 120 15.63 -14.41 0.92
N VAL A 121 16.90 -14.05 0.75
CA VAL A 121 17.49 -12.92 1.46
C VAL A 121 16.82 -11.62 1.01
N HIS A 122 16.53 -11.52 -0.28
CA HIS A 122 15.85 -10.35 -0.86
C HIS A 122 14.50 -10.23 -0.13
N ALA A 123 13.81 -11.35 0.03
CA ALA A 123 12.52 -11.36 0.71
C ALA A 123 12.63 -10.88 2.16
N SER A 124 13.65 -11.38 2.86
CA SER A 124 13.84 -10.99 4.25
C SER A 124 14.16 -9.50 4.38
N LEU A 125 15.01 -9.00 3.48
CA LEU A 125 15.38 -7.59 3.53
C LEU A 125 14.19 -6.68 3.28
N ASP A 126 13.31 -7.09 2.37
CA ASP A 126 12.13 -6.29 2.07
C ASP A 126 11.22 -6.24 3.31
N LYS A 127 11.04 -7.37 3.97
CA LYS A 127 10.22 -7.45 5.17
C LYS A 127 10.81 -6.59 6.28
N PHE A 128 12.14 -6.66 6.40
CA PHE A 128 12.86 -5.91 7.41
C PHE A 128 12.65 -4.40 7.23
N LEU A 129 12.91 -3.92 6.02
CA LEU A 129 12.77 -2.50 5.72
C LEU A 129 11.33 -2.05 5.88
N ALA A 130 10.39 -2.91 5.54
CA ALA A 130 8.98 -2.55 5.70
C ALA A 130 8.71 -2.41 7.20
N SER A 131 9.36 -3.25 7.99
CA SER A 131 9.17 -3.18 9.44
C SER A 131 9.69 -1.88 10.01
N VAL A 132 10.89 -1.51 9.59
CA VAL A 132 11.51 -0.27 10.03
C VAL A 132 10.58 0.87 9.61
N SER A 133 10.08 0.80 8.38
CA SER A 133 9.20 1.84 7.85
C SER A 133 7.96 2.04 8.70
N THR A 134 7.33 0.95 9.12
CA THR A 134 6.14 1.03 9.95
C THR A 134 6.41 1.73 11.27
N VAL A 135 7.52 1.42 11.91
CA VAL A 135 7.89 2.05 13.18
C VAL A 135 8.11 3.55 12.98
N LEU A 136 8.84 3.91 11.93
CA LEU A 136 9.13 5.32 11.65
C LEU A 136 7.93 6.16 11.23
N THR A 137 6.87 5.52 10.77
CA THR A 137 5.69 6.26 10.35
C THR A 137 4.54 6.15 11.34
N SER A 138 4.77 5.46 12.45
CA SER A 138 3.73 5.31 13.46
C SER A 138 4.00 6.20 14.66
N LYS A 139 2.94 6.78 15.22
CA LYS A 139 3.05 7.62 16.40
C LYS A 139 2.55 6.70 17.53
N TYR A 140 3.49 6.17 18.30
CA TYR A 140 3.16 5.25 19.38
C TYR A 140 3.54 5.70 20.78
N ARG A 141 3.74 7.01 20.94
CA ARG A 141 4.08 7.55 22.24
C ARG A 141 3.14 8.71 22.52
N VAL B 1 5.87 7.83 -21.74
CA VAL B 1 7.10 8.06 -20.93
C VAL B 1 8.10 8.93 -21.69
N HIS B 2 8.64 9.94 -20.99
CA HIS B 2 9.60 10.85 -21.60
C HIS B 2 11.02 10.58 -21.16
N LEU B 3 11.83 10.07 -22.08
CA LEU B 3 13.24 9.78 -21.79
C LEU B 3 14.11 10.70 -22.61
N THR B 4 15.07 11.36 -21.96
CA THR B 4 15.98 12.24 -22.67
C THR B 4 16.72 11.35 -23.67
N PRO B 5 17.32 11.95 -24.72
CA PRO B 5 18.03 11.11 -25.68
C PRO B 5 19.18 10.36 -25.00
N GLU B 6 19.76 10.97 -23.98
CA GLU B 6 20.85 10.36 -23.23
C GLU B 6 20.32 9.16 -22.45
N GLU B 7 19.17 9.32 -21.82
CA GLU B 7 18.56 8.23 -21.06
C GLU B 7 18.18 7.10 -22.02
N LYS B 8 17.65 7.45 -23.18
CA LYS B 8 17.24 6.45 -24.16
C LYS B 8 18.44 5.60 -24.56
N SER B 9 19.55 6.25 -24.88
CA SER B 9 20.75 5.53 -25.26
C SER B 9 21.24 4.62 -24.13
N ALA B 10 21.24 5.13 -22.90
CA ALA B 10 21.69 4.32 -21.76
C ALA B 10 20.78 3.12 -21.53
N VAL B 11 19.47 3.35 -21.60
CA VAL B 11 18.51 2.26 -21.41
C VAL B 11 18.69 1.20 -22.48
N THR B 12 18.75 1.63 -23.74
CA THR B 12 18.92 0.70 -24.86
C THR B 12 20.22 -0.08 -24.77
N ALA B 13 21.31 0.61 -24.45
CA ALA B 13 22.61 -0.05 -24.34
C ALA B 13 22.54 -1.16 -23.31
N LEU B 14 21.96 -0.86 -22.15
CA LEU B 14 21.88 -1.88 -21.10
C LEU B 14 20.95 -3.03 -21.50
N TRP B 15 19.77 -2.69 -22.01
CA TRP B 15 18.80 -3.71 -22.38
C TRP B 15 19.35 -4.68 -23.43
N GLY B 16 20.20 -4.17 -24.32
CA GLY B 16 20.77 -5.03 -25.35
C GLY B 16 21.66 -6.13 -24.81
N LYS B 17 22.16 -5.98 -23.58
CA LYS B 17 23.03 -6.97 -22.96
C LYS B 17 22.28 -7.93 -22.04
N VAL B 18 21.00 -7.67 -21.82
CA VAL B 18 20.19 -8.51 -20.94
C VAL B 18 20.10 -9.96 -21.41
N ASN B 19 20.25 -10.90 -20.47
CA ASN B 19 20.16 -12.32 -20.79
C ASN B 19 18.66 -12.62 -20.90
N VAL B 20 18.16 -12.68 -22.13
CA VAL B 20 16.74 -12.93 -22.35
C VAL B 20 16.26 -14.30 -21.89
N ASP B 21 17.19 -15.21 -21.63
CA ASP B 21 16.80 -16.54 -21.17
C ASP B 21 16.58 -16.62 -19.66
N GLU B 22 17.19 -15.71 -18.92
CA GLU B 22 17.10 -15.76 -17.47
C GLU B 22 16.49 -14.58 -16.71
N VAL B 23 16.79 -13.36 -17.15
CA VAL B 23 16.31 -12.16 -16.46
C VAL B 23 14.82 -12.15 -16.17
N GLY B 24 14.01 -12.45 -17.18
CA GLY B 24 12.56 -12.47 -16.98
C GLY B 24 12.13 -13.48 -15.94
N GLY B 25 12.73 -14.68 -16.00
CA GLY B 25 12.38 -15.72 -15.05
C GLY B 25 12.78 -15.39 -13.63
N GLU B 26 13.90 -14.67 -13.48
CA GLU B 26 14.39 -14.29 -12.16
C GLU B 26 13.52 -13.19 -11.56
N ALA B 27 12.99 -12.32 -12.42
CA ALA B 27 12.12 -11.26 -11.94
C ALA B 27 10.79 -11.84 -11.48
N LEU B 28 10.18 -12.67 -12.33
CA LEU B 28 8.91 -13.30 -11.98
C LEU B 28 9.11 -14.18 -10.76
N GLY B 29 10.23 -14.89 -10.73
CA GLY B 29 10.56 -15.76 -9.63
C GLY B 29 10.65 -15.02 -8.31
N ARG B 30 11.39 -13.90 -8.31
CA ARG B 30 11.54 -13.12 -7.10
C ARG B 30 10.21 -12.53 -6.67
N LEU B 31 9.35 -12.20 -7.64
CA LEU B 31 8.04 -11.65 -7.31
C LEU B 31 7.29 -12.69 -6.48
N LEU B 32 7.30 -13.93 -6.96
CA LEU B 32 6.61 -15.02 -6.29
C LEU B 32 7.20 -15.35 -4.92
N VAL B 33 8.50 -15.11 -4.75
CA VAL B 33 9.18 -15.39 -3.48
C VAL B 33 9.05 -14.25 -2.48
N VAL B 34 9.22 -13.02 -2.97
CA VAL B 34 9.15 -11.84 -2.11
C VAL B 34 7.71 -11.45 -1.75
N TYR B 35 6.78 -11.74 -2.64
CA TYR B 35 5.38 -11.42 -2.44
C TYR B 35 4.57 -12.69 -2.73
N PRO B 36 4.67 -13.69 -1.83
CA PRO B 36 4.02 -15.00 -1.87
C PRO B 36 2.58 -15.05 -2.37
N TRP B 37 1.80 -14.03 -2.03
CA TRP B 37 0.41 -14.02 -2.47
C TRP B 37 0.25 -14.00 -3.99
N THR B 38 1.29 -13.58 -4.70
CA THR B 38 1.21 -13.54 -6.16
C THR B 38 1.20 -14.95 -6.73
N GLN B 39 1.58 -15.92 -5.91
CA GLN B 39 1.62 -17.33 -6.31
C GLN B 39 0.23 -17.87 -6.64
N ARG B 40 -0.81 -17.25 -6.09
CA ARG B 40 -2.19 -17.67 -6.29
C ARG B 40 -2.64 -17.55 -7.74
N PHE B 41 -1.92 -16.74 -8.51
CA PHE B 41 -2.27 -16.54 -9.91
C PHE B 41 -1.61 -17.58 -10.82
N PHE B 42 -0.69 -18.36 -10.25
CA PHE B 42 0.05 -19.37 -11.00
C PHE B 42 -0.12 -20.78 -10.46
N GLU B 43 -1.36 -21.16 -10.16
CA GLU B 43 -1.63 -22.49 -9.63
C GLU B 43 -1.18 -23.63 -10.54
N SER B 44 -1.28 -23.43 -11.85
CA SER B 44 -0.91 -24.46 -12.81
C SER B 44 0.58 -24.57 -13.10
N PHE B 45 1.38 -23.71 -12.46
CA PHE B 45 2.82 -23.73 -12.70
C PHE B 45 3.59 -24.79 -11.94
N GLY B 46 2.88 -25.63 -11.20
CA GLY B 46 3.55 -26.68 -10.48
C GLY B 46 4.13 -26.31 -9.13
N ASP B 47 5.34 -26.80 -8.86
CA ASP B 47 6.01 -26.57 -7.60
C ASP B 47 6.55 -25.17 -7.36
N LEU B 48 5.96 -24.49 -6.37
CA LEU B 48 6.35 -23.13 -5.97
C LEU B 48 6.46 -23.12 -4.46
N SER B 49 6.61 -24.31 -3.87
CA SER B 49 6.66 -24.46 -2.42
C SER B 49 7.88 -23.89 -1.71
N THR B 50 8.98 -23.70 -2.43
CA THR B 50 10.19 -23.14 -1.82
C THR B 50 10.86 -22.18 -2.81
N PRO B 51 11.73 -21.29 -2.31
CA PRO B 51 12.42 -20.34 -3.20
C PRO B 51 13.18 -21.02 -4.34
N ASP B 52 13.95 -22.05 -4.01
CA ASP B 52 14.71 -22.77 -5.03
C ASP B 52 13.77 -23.40 -6.05
N ALA B 53 12.67 -23.98 -5.56
CA ALA B 53 11.70 -24.60 -6.44
C ALA B 53 11.14 -23.55 -7.39
N VAL B 54 10.76 -22.38 -6.84
CA VAL B 54 10.20 -21.32 -7.66
C VAL B 54 11.16 -20.82 -8.75
N MET B 55 12.38 -20.49 -8.36
CA MET B 55 13.38 -19.99 -9.31
C MET B 55 13.77 -20.99 -10.39
N GLY B 56 13.91 -22.26 -10.01
CA GLY B 56 14.30 -23.27 -10.99
C GLY B 56 13.15 -23.87 -11.80
N ASN B 57 11.94 -23.46 -11.51
CA ASN B 57 10.75 -23.97 -12.19
C ASN B 57 10.76 -23.60 -13.67
N PRO B 58 10.80 -24.62 -14.56
CA PRO B 58 10.82 -24.34 -16.00
C PRO B 58 9.67 -23.45 -16.47
N LYS B 59 8.49 -23.63 -15.89
CA LYS B 59 7.34 -22.82 -16.27
C LYS B 59 7.49 -21.36 -15.84
N VAL B 60 8.17 -21.14 -14.72
CA VAL B 60 8.42 -19.78 -14.24
C VAL B 60 9.42 -19.13 -15.20
N LYS B 61 10.45 -19.87 -15.59
CA LYS B 61 11.43 -19.31 -16.50
C LYS B 61 10.80 -18.98 -17.85
N ALA B 62 9.99 -19.90 -18.38
CA ALA B 62 9.34 -19.70 -19.67
C ALA B 62 8.39 -18.52 -19.64
N HIS B 63 7.57 -18.45 -18.60
CA HIS B 63 6.63 -17.36 -18.51
C HIS B 63 7.35 -16.04 -18.27
N GLY B 64 8.41 -16.09 -17.48
CA GLY B 64 9.18 -14.88 -17.22
C GLY B 64 9.77 -14.35 -18.51
N LYS B 65 10.06 -15.26 -19.43
CA LYS B 65 10.64 -14.88 -20.71
C LYS B 65 9.60 -14.09 -21.52
N LYS B 66 8.32 -14.47 -21.39
CA LYS B 66 7.25 -13.76 -22.09
C LYS B 66 7.10 -12.37 -21.46
N VAL B 67 7.20 -12.32 -20.14
CA VAL B 67 7.07 -11.07 -19.42
C VAL B 67 8.16 -10.11 -19.88
N LEU B 68 9.39 -10.60 -19.94
CA LEU B 68 10.52 -9.79 -20.39
C LEU B 68 10.23 -9.32 -21.82
N GLY B 69 9.70 -10.23 -22.62
CA GLY B 69 9.37 -9.89 -24.00
C GLY B 69 8.38 -8.74 -24.07
N ALA B 70 7.44 -8.71 -23.11
CA ALA B 70 6.45 -7.64 -23.06
C ALA B 70 7.15 -6.33 -22.74
N PHE B 71 8.10 -6.37 -21.81
CA PHE B 71 8.86 -5.17 -21.46
C PHE B 71 9.68 -4.72 -22.66
N SER B 72 10.23 -5.68 -23.40
CA SER B 72 11.02 -5.36 -24.59
C SER B 72 10.17 -4.64 -25.63
N ASP B 73 8.90 -5.03 -25.75
CA ASP B 73 8.01 -4.39 -26.71
C ASP B 73 7.64 -2.98 -26.25
N GLY B 74 7.54 -2.81 -24.93
CA GLY B 74 7.20 -1.51 -24.39
C GLY B 74 8.33 -0.54 -24.68
N LEU B 75 9.56 -1.01 -24.52
CA LEU B 75 10.73 -0.18 -24.79
C LEU B 75 10.74 0.28 -26.24
N ALA B 76 10.16 -0.52 -27.12
CA ALA B 76 10.12 -0.19 -28.54
C ALA B 76 8.94 0.68 -28.92
N HIS B 77 8.01 0.88 -27.99
CA HIS B 77 6.83 1.69 -28.25
C HIS B 77 6.50 2.59 -27.05
N LEU B 78 7.52 3.28 -26.54
CA LEU B 78 7.34 4.16 -25.39
C LEU B 78 6.36 5.30 -25.66
N ASP B 79 6.14 5.59 -26.94
CA ASP B 79 5.23 6.66 -27.32
C ASP B 79 3.77 6.19 -27.32
N ASN B 80 3.57 4.88 -27.30
CA ASN B 80 2.23 4.31 -27.32
C ASN B 80 2.16 3.04 -26.47
N LEU B 81 2.30 3.19 -25.17
CA LEU B 81 2.26 2.05 -24.26
C LEU B 81 0.83 1.56 -24.01
N LYS B 82 -0.13 2.47 -24.04
CA LYS B 82 -1.53 2.11 -23.84
C LYS B 82 -2.00 1.16 -24.94
N GLY B 83 -1.65 1.48 -26.18
CA GLY B 83 -2.05 0.66 -27.29
C GLY B 83 -1.30 -0.66 -27.35
N THR B 84 -0.01 -0.61 -27.06
CA THR B 84 0.83 -1.80 -27.07
C THR B 84 0.36 -2.83 -26.05
N PHE B 85 -0.11 -2.36 -24.90
CA PHE B 85 -0.56 -3.25 -23.83
C PHE B 85 -2.07 -3.36 -23.66
N ALA B 86 -2.82 -2.84 -24.63
CA ALA B 86 -4.28 -2.90 -24.55
C ALA B 86 -4.78 -4.32 -24.28
N THR B 87 -4.33 -5.27 -25.09
CA THR B 87 -4.72 -6.66 -24.96
C THR B 87 -4.29 -7.24 -23.61
N LEU B 88 -3.03 -7.01 -23.24
CA LEU B 88 -2.52 -7.52 -21.97
C LEU B 88 -3.27 -6.93 -20.78
N SER B 89 -3.69 -5.67 -20.90
CA SER B 89 -4.41 -5.01 -19.81
C SER B 89 -5.78 -5.64 -19.61
N GLU B 90 -6.43 -5.98 -20.71
CA GLU B 90 -7.75 -6.61 -20.64
C GLU B 90 -7.59 -7.95 -19.93
N LEU B 91 -6.52 -8.67 -20.24
CA LEU B 91 -6.26 -9.96 -19.62
C LEU B 91 -5.98 -9.83 -18.12
N HIS B 92 -5.05 -8.96 -17.75
CA HIS B 92 -4.70 -8.80 -16.34
C HIS B 92 -5.76 -8.13 -15.47
N CYS B 93 -6.50 -7.20 -16.04
CA CYS B 93 -7.52 -6.50 -15.26
C CYS B 93 -8.90 -7.15 -15.28
N ASP B 94 -9.48 -7.28 -16.48
CA ASP B 94 -10.81 -7.86 -16.62
C ASP B 94 -10.91 -9.36 -16.34
N LYS B 95 -9.88 -10.13 -16.68
CA LYS B 95 -9.93 -11.57 -16.46
C LYS B 95 -9.24 -12.06 -15.19
N LEU B 96 -7.96 -11.72 -15.03
CA LEU B 96 -7.21 -12.16 -13.86
C LEU B 96 -7.47 -11.34 -12.59
N HIS B 97 -7.89 -10.09 -12.77
CA HIS B 97 -8.18 -9.22 -11.64
C HIS B 97 -6.97 -9.00 -10.74
N VAL B 98 -5.81 -8.82 -11.36
CA VAL B 98 -4.57 -8.57 -10.63
C VAL B 98 -4.64 -7.16 -10.04
N ASP B 99 -4.39 -7.02 -8.75
CA ASP B 99 -4.43 -5.71 -8.14
C ASP B 99 -3.27 -4.87 -8.67
N PRO B 100 -3.56 -3.63 -9.10
CA PRO B 100 -2.59 -2.69 -9.65
C PRO B 100 -1.26 -2.60 -8.90
N GLU B 101 -1.32 -2.60 -7.58
CA GLU B 101 -0.12 -2.51 -6.76
C GLU B 101 0.90 -3.60 -7.15
N ASN B 102 0.41 -4.75 -7.58
CA ASN B 102 1.28 -5.84 -7.98
C ASN B 102 2.04 -5.56 -9.28
N PHE B 103 1.47 -4.75 -10.17
CA PHE B 103 2.15 -4.41 -11.42
C PHE B 103 3.38 -3.58 -11.08
N ARG B 104 3.21 -2.68 -10.11
CA ARG B 104 4.29 -1.82 -9.65
C ARG B 104 5.37 -2.66 -9.00
N LEU B 105 4.96 -3.65 -8.21
CA LEU B 105 5.89 -4.53 -7.52
C LEU B 105 6.77 -5.29 -8.51
N LEU B 106 6.16 -5.88 -9.54
CA LEU B 106 6.94 -6.65 -10.52
C LEU B 106 7.90 -5.72 -11.25
N GLY B 107 7.46 -4.51 -11.55
CA GLY B 107 8.31 -3.56 -12.24
C GLY B 107 9.55 -3.28 -11.43
N ASN B 108 9.38 -3.05 -10.13
CA ASN B 108 10.52 -2.77 -9.26
C ASN B 108 11.37 -4.01 -9.03
N VAL B 109 10.77 -5.18 -9.08
CA VAL B 109 11.55 -6.39 -8.90
C VAL B 109 12.46 -6.52 -10.13
N LEU B 110 11.93 -6.20 -11.30
CA LEU B 110 12.72 -6.27 -12.52
C LEU B 110 13.93 -5.34 -12.36
N VAL B 111 13.69 -4.17 -11.78
CA VAL B 111 14.76 -3.20 -11.56
C VAL B 111 15.83 -3.82 -10.64
N CYS B 112 15.39 -4.51 -9.60
CA CYS B 112 16.32 -5.15 -8.67
C CYS B 112 17.16 -6.21 -9.39
N VAL B 113 16.53 -6.94 -10.30
CA VAL B 113 17.22 -7.99 -11.04
C VAL B 113 18.24 -7.38 -12.01
N LEU B 114 17.90 -6.24 -12.61
CA LEU B 114 18.85 -5.59 -13.52
C LEU B 114 20.05 -5.14 -12.70
N ALA B 115 19.79 -4.60 -11.50
CA ALA B 115 20.87 -4.16 -10.64
C ALA B 115 21.74 -5.35 -10.26
N HIS B 116 21.09 -6.47 -9.98
CA HIS B 116 21.79 -7.69 -9.58
C HIS B 116 22.72 -8.19 -10.68
N HIS B 117 22.23 -8.16 -11.92
CA HIS B 117 23.00 -8.64 -13.07
C HIS B 117 24.11 -7.70 -13.54
N PHE B 118 23.83 -6.41 -13.58
CA PHE B 118 24.80 -5.45 -14.08
C PHE B 118 25.69 -4.74 -13.07
N GLY B 119 25.38 -4.90 -11.79
CA GLY B 119 26.19 -4.27 -10.76
C GLY B 119 26.41 -2.78 -10.92
N LYS B 120 27.67 -2.36 -10.83
CA LYS B 120 27.98 -0.94 -10.95
C LYS B 120 27.55 -0.29 -12.27
N GLU B 121 27.33 -1.10 -13.29
CA GLU B 121 26.90 -0.55 -14.58
C GLU B 121 25.47 0.00 -14.44
N PHE B 122 24.73 -0.50 -13.46
CA PHE B 122 23.36 -0.04 -13.24
C PHE B 122 23.41 1.18 -12.30
N THR B 123 23.93 2.29 -12.83
CA THR B 123 24.07 3.52 -12.07
C THR B 123 22.74 4.16 -11.66
N PRO B 124 22.79 5.12 -10.73
CA PRO B 124 21.55 5.78 -10.31
C PRO B 124 20.82 6.43 -11.48
N PRO B 125 21.57 7.08 -12.40
CA PRO B 125 20.93 7.71 -13.57
C PRO B 125 20.26 6.67 -14.47
N VAL B 126 20.90 5.51 -14.63
CA VAL B 126 20.35 4.44 -15.44
C VAL B 126 19.06 3.95 -14.78
N GLN B 127 19.10 3.76 -13.46
CA GLN B 127 17.93 3.30 -12.73
C GLN B 127 16.77 4.27 -12.91
N ALA B 128 17.07 5.57 -12.74
CA ALA B 128 16.05 6.60 -12.88
C ALA B 128 15.29 6.47 -14.20
N ALA B 129 16.04 6.21 -15.27
CA ALA B 129 15.43 6.05 -16.59
C ALA B 129 14.54 4.82 -16.60
N TYR B 130 15.05 3.73 -16.06
CA TYR B 130 14.29 2.49 -16.01
C TYR B 130 13.05 2.60 -15.14
N GLN B 131 13.09 3.44 -14.12
CA GLN B 131 11.92 3.59 -13.26
C GLN B 131 10.81 4.28 -14.07
N LYS B 132 11.18 5.18 -14.97
CA LYS B 132 10.19 5.84 -15.81
C LYS B 132 9.53 4.79 -16.69
N VAL B 133 10.33 3.88 -17.23
CA VAL B 133 9.82 2.82 -18.10
C VAL B 133 8.88 1.87 -17.37
N VAL B 134 9.35 1.28 -16.28
CA VAL B 134 8.51 0.33 -15.53
C VAL B 134 7.22 0.96 -15.01
N ALA B 135 7.30 2.24 -14.66
CA ALA B 135 6.10 2.94 -14.18
C ALA B 135 5.14 3.06 -15.35
N GLY B 136 5.70 3.39 -16.52
CA GLY B 136 4.89 3.55 -17.72
C GLY B 136 4.24 2.23 -18.11
N VAL B 137 5.01 1.14 -18.01
CA VAL B 137 4.48 -0.17 -18.35
C VAL B 137 3.39 -0.53 -17.35
N ALA B 138 3.69 -0.34 -16.06
CA ALA B 138 2.72 -0.66 -15.00
C ALA B 138 1.40 0.08 -15.22
N ASN B 139 1.50 1.37 -15.54
CA ASN B 139 0.31 2.19 -15.78
C ASN B 139 -0.53 1.64 -16.94
N ALA B 140 0.14 1.36 -18.06
CA ALA B 140 -0.54 0.83 -19.24
C ALA B 140 -1.26 -0.48 -18.93
N LEU B 141 -0.60 -1.36 -18.18
CA LEU B 141 -1.19 -2.64 -17.82
C LEU B 141 -2.48 -2.46 -17.02
N ALA B 142 -2.56 -1.41 -16.22
CA ALA B 142 -3.73 -1.16 -15.41
C ALA B 142 -4.73 -0.16 -15.99
N HIS B 143 -4.55 0.24 -17.25
CA HIS B 143 -5.47 1.22 -17.82
C HIS B 143 -6.90 0.76 -18.01
N LYS B 144 -7.12 -0.53 -18.23
CA LYS B 144 -8.47 -1.04 -18.40
C LYS B 144 -9.24 -0.96 -17.09
N TYR B 145 -8.52 -0.62 -16.03
CA TYR B 145 -9.10 -0.47 -14.70
C TYR B 145 -9.72 0.92 -14.59
N HIS B 146 -9.07 1.90 -15.23
CA HIS B 146 -9.54 3.27 -15.22
C HIS B 146 -10.87 3.37 -15.96
N VAL C 1 2.82 0.38 15.04
CA VAL C 1 3.02 0.32 16.49
C VAL C 1 1.90 1.09 17.18
N LEU C 2 1.23 0.43 18.13
CA LEU C 2 0.15 1.06 18.86
C LEU C 2 0.66 1.80 20.08
N SER C 3 0.07 2.96 20.33
CA SER C 3 0.44 3.79 21.47
C SER C 3 -0.36 3.29 22.67
N PRO C 4 0.00 3.74 23.88
CA PRO C 4 -0.78 3.26 25.01
C PRO C 4 -2.24 3.66 24.81
N ALA C 5 -2.46 4.87 24.31
CA ALA C 5 -3.82 5.37 24.07
C ALA C 5 -4.55 4.51 23.02
N ASP C 6 -3.83 4.06 21.99
CA ASP C 6 -4.46 3.22 20.96
C ASP C 6 -4.98 1.94 21.60
N LYS C 7 -4.14 1.32 22.43
CA LYS C 7 -4.53 0.08 23.09
C LYS C 7 -5.75 0.30 23.97
N THR C 8 -5.78 1.41 24.68
CA THR C 8 -6.89 1.75 25.55
C THR C 8 -8.17 1.92 24.73
N ASN C 9 -8.05 2.63 23.62
CA ASN C 9 -9.19 2.87 22.74
C ASN C 9 -9.74 1.60 22.12
N VAL C 10 -8.84 0.74 21.64
CA VAL C 10 -9.25 -0.51 21.02
C VAL C 10 -10.00 -1.38 22.01
N LYS C 11 -9.41 -1.57 23.19
CA LYS C 11 -10.04 -2.40 24.20
C LYS C 11 -11.43 -1.88 24.59
N ALA C 12 -11.56 -0.58 24.79
CA ALA C 12 -12.84 0.01 25.17
C ALA C 12 -13.92 -0.15 24.10
N ALA C 13 -13.57 0.16 22.86
CA ALA C 13 -14.51 0.06 21.75
C ALA C 13 -14.90 -1.37 21.43
N TRP C 14 -13.91 -2.26 21.34
CA TRP C 14 -14.22 -3.65 21.03
C TRP C 14 -14.96 -4.28 22.20
N GLY C 15 -14.69 -3.77 23.40
CA GLY C 15 -15.36 -4.30 24.58
C GLY C 15 -16.86 -4.11 24.43
N LYS C 16 -17.25 -3.05 23.74
CA LYS C 16 -18.66 -2.73 23.52
C LYS C 16 -19.35 -3.65 22.51
N VAL C 17 -18.58 -4.48 21.82
CA VAL C 17 -19.14 -5.40 20.83
C VAL C 17 -19.87 -6.56 21.54
N GLY C 18 -19.28 -7.03 22.62
CA GLY C 18 -19.88 -8.12 23.40
C GLY C 18 -20.55 -9.24 22.64
N ALA C 19 -21.81 -9.51 22.99
CA ALA C 19 -22.58 -10.58 22.36
C ALA C 19 -22.88 -10.33 20.88
N HIS C 20 -22.55 -9.14 20.40
CA HIS C 20 -22.79 -8.78 19.01
C HIS C 20 -21.64 -9.21 18.09
N ALA C 21 -20.75 -10.05 18.63
CA ALA C 21 -19.59 -10.54 17.89
C ALA C 21 -19.94 -11.14 16.53
N GLY C 22 -20.61 -12.28 16.54
CA GLY C 22 -20.98 -12.94 15.30
C GLY C 22 -21.74 -12.04 14.36
N GLU C 23 -22.63 -11.24 14.92
CA GLU C 23 -23.44 -10.31 14.13
C GLU C 23 -22.60 -9.32 13.33
N TYR C 24 -21.71 -8.61 14.01
CA TYR C 24 -20.87 -7.61 13.35
C TYR C 24 -19.86 -8.27 12.41
N GLY C 25 -19.31 -9.41 12.83
CA GLY C 25 -18.37 -10.12 11.98
C GLY C 25 -19.03 -10.55 10.68
N ALA C 26 -20.25 -11.08 10.79
CA ALA C 26 -20.97 -11.53 9.60
C ALA C 26 -21.30 -10.35 8.68
N GLU C 27 -21.74 -9.24 9.28
CA GLU C 27 -22.06 -8.06 8.49
C GLU C 27 -20.82 -7.55 7.77
N ALA C 28 -19.69 -7.51 8.45
CA ALA C 28 -18.45 -7.02 7.85
C ALA C 28 -18.10 -7.90 6.63
N LEU C 29 -18.24 -9.20 6.79
CA LEU C 29 -17.94 -10.13 5.71
C LEU C 29 -18.91 -9.91 4.55
N GLU C 30 -20.20 -9.81 4.85
CA GLU C 30 -21.19 -9.60 3.81
C GLU C 30 -20.93 -8.28 3.07
N ARG C 31 -20.54 -7.25 3.81
CA ARG C 31 -20.25 -5.95 3.20
C ARG C 31 -19.03 -6.09 2.26
N MET C 32 -18.04 -6.85 2.69
CA MET C 32 -16.85 -7.04 1.86
C MET C 32 -17.18 -7.79 0.57
N PHE C 33 -17.92 -8.89 0.69
CA PHE C 33 -18.27 -9.69 -0.49
C PHE C 33 -19.11 -8.93 -1.51
N LEU C 34 -20.01 -8.09 -1.00
CA LEU C 34 -20.89 -7.33 -1.89
C LEU C 34 -20.14 -6.13 -2.50
N SER C 35 -19.35 -5.43 -1.70
CA SER C 35 -18.61 -4.26 -2.18
C SER C 35 -17.41 -4.61 -3.04
N PHE C 36 -16.72 -5.70 -2.70
CA PHE C 36 -15.53 -6.12 -3.43
C PHE C 36 -15.71 -7.59 -3.76
N PRO C 37 -16.50 -7.90 -4.80
CA PRO C 37 -16.77 -9.27 -5.23
C PRO C 37 -15.58 -10.18 -5.48
N THR C 38 -14.43 -9.61 -5.82
CA THR C 38 -13.26 -10.45 -6.07
C THR C 38 -12.88 -11.22 -4.80
N THR C 39 -13.17 -10.64 -3.64
CA THR C 39 -12.85 -11.30 -2.37
C THR C 39 -13.56 -12.65 -2.23
N LYS C 40 -14.67 -12.82 -2.93
CA LYS C 40 -15.42 -14.08 -2.85
C LYS C 40 -14.58 -15.25 -3.35
N THR C 41 -13.59 -14.94 -4.16
CA THR C 41 -12.66 -15.91 -4.75
C THR C 41 -11.93 -16.77 -3.71
N TYR C 42 -11.72 -16.23 -2.52
CA TYR C 42 -11.02 -16.93 -1.45
C TYR C 42 -11.89 -17.98 -0.76
N PHE C 43 -13.19 -17.92 -1.01
CA PHE C 43 -14.16 -18.85 -0.42
C PHE C 43 -14.97 -19.57 -1.50
N PRO C 44 -14.29 -20.28 -2.41
CA PRO C 44 -14.94 -21.00 -3.50
C PRO C 44 -16.03 -22.02 -3.15
N HIS C 45 -15.92 -22.67 -1.99
CA HIS C 45 -16.93 -23.67 -1.63
C HIS C 45 -17.90 -23.21 -0.55
N PHE C 46 -17.93 -21.91 -0.29
CA PHE C 46 -18.82 -21.35 0.72
C PHE C 46 -20.19 -21.00 0.17
N ASP C 47 -21.19 -21.00 1.05
CA ASP C 47 -22.53 -20.57 0.70
C ASP C 47 -22.47 -19.10 1.09
N LEU C 48 -22.28 -18.22 0.11
CA LEU C 48 -22.20 -16.80 0.39
C LEU C 48 -23.49 -16.04 0.12
N SER C 49 -24.60 -16.76 0.05
CA SER C 49 -25.89 -16.12 -0.18
C SER C 49 -26.19 -15.21 1.01
N HIS C 50 -27.00 -14.18 0.79
CA HIS C 50 -27.34 -13.26 1.87
C HIS C 50 -27.97 -13.96 3.07
N GLY C 51 -27.44 -13.69 4.26
CA GLY C 51 -27.97 -14.27 5.48
C GLY C 51 -27.65 -15.74 5.71
N SER C 52 -26.81 -16.32 4.86
CA SER C 52 -26.45 -17.72 4.98
C SER C 52 -25.88 -18.06 6.36
N ALA C 53 -26.19 -19.26 6.82
CA ALA C 53 -25.72 -19.70 8.13
C ALA C 53 -24.19 -19.84 8.13
N GLN C 54 -23.63 -20.23 7.00
CA GLN C 54 -22.18 -20.41 6.93
C GLN C 54 -21.43 -19.09 7.17
N VAL C 55 -21.92 -18.00 6.58
CA VAL C 55 -21.29 -16.70 6.75
C VAL C 55 -21.52 -16.18 8.17
N LYS C 56 -22.67 -16.52 8.74
CA LYS C 56 -22.96 -16.10 10.11
C LYS C 56 -21.95 -16.78 11.01
N GLY C 57 -21.71 -18.06 10.76
CA GLY C 57 -20.77 -18.82 11.56
C GLY C 57 -19.34 -18.34 11.39
N HIS C 58 -18.96 -18.04 10.15
CA HIS C 58 -17.62 -17.59 9.88
C HIS C 58 -17.38 -16.21 10.50
N GLY C 59 -18.41 -15.37 10.45
CA GLY C 59 -18.31 -14.04 11.02
C GLY C 59 -18.04 -14.10 12.51
N LYS C 60 -18.57 -15.13 13.16
CA LYS C 60 -18.38 -15.33 14.59
C LYS C 60 -16.93 -15.73 14.85
N LYS C 61 -16.36 -16.52 13.95
CA LYS C 61 -14.98 -16.95 14.10
C LYS C 61 -14.04 -15.76 13.95
N VAL C 62 -14.27 -14.96 12.91
CA VAL C 62 -13.46 -13.77 12.67
C VAL C 62 -13.55 -12.83 13.86
N ALA C 63 -14.76 -12.60 14.35
CA ALA C 63 -14.98 -11.70 15.47
C ALA C 63 -14.24 -12.20 16.72
N ASP C 64 -14.40 -13.47 17.03
CA ASP C 64 -13.75 -14.06 18.19
C ASP C 64 -12.23 -13.98 18.08
N ALA C 65 -11.71 -14.11 16.86
CA ALA C 65 -10.27 -14.02 16.65
C ALA C 65 -9.80 -12.61 16.99
N LEU C 66 -10.59 -11.61 16.60
CA LEU C 66 -10.23 -10.24 16.90
C LEU C 66 -10.29 -10.00 18.41
N THR C 67 -11.27 -10.60 19.07
CA THR C 67 -11.39 -10.45 20.51
C THR C 67 -10.11 -10.98 21.16
N ASN C 68 -9.61 -12.09 20.63
CA ASN C 68 -8.39 -12.69 21.15
C ASN C 68 -7.21 -11.76 20.87
N ALA C 69 -7.15 -11.22 19.66
CA ALA C 69 -6.08 -10.31 19.29
C ALA C 69 -6.07 -9.12 20.25
N VAL C 70 -7.25 -8.62 20.58
CA VAL C 70 -7.40 -7.48 21.50
C VAL C 70 -6.82 -7.84 22.87
N ALA C 71 -7.12 -9.03 23.34
CA ALA C 71 -6.63 -9.49 24.63
C ALA C 71 -5.11 -9.65 24.65
N HIS C 72 -4.54 -9.94 23.48
CA HIS C 72 -3.09 -10.12 23.37
C HIS C 72 -2.46 -9.08 22.47
N VAL C 73 -2.90 -7.83 22.59
CA VAL C 73 -2.39 -6.75 21.76
C VAL C 73 -0.87 -6.55 21.89
N ASP C 74 -0.30 -7.00 23.00
CA ASP C 74 1.15 -6.85 23.22
C ASP C 74 1.99 -8.02 22.74
N ASP C 75 1.36 -9.03 22.13
CA ASP C 75 2.10 -10.17 21.60
C ASP C 75 1.22 -10.91 20.61
N MET C 76 0.72 -10.18 19.62
CA MET C 76 -0.13 -10.77 18.61
C MET C 76 0.55 -11.83 17.75
N PRO C 77 1.84 -11.63 17.40
CA PRO C 77 2.51 -12.63 16.58
C PRO C 77 2.43 -14.03 17.19
N ASN C 78 2.58 -14.08 18.51
CA ASN C 78 2.52 -15.37 19.20
C ASN C 78 1.09 -15.88 19.23
N ALA C 79 0.17 -15.02 19.67
CA ALA C 79 -1.24 -15.36 19.79
C ALA C 79 -1.95 -15.72 18.49
N LEU C 80 -1.56 -15.08 17.38
CA LEU C 80 -2.19 -15.33 16.09
C LEU C 80 -1.39 -16.23 15.15
N SER C 81 -0.40 -16.92 15.70
CA SER C 81 0.46 -17.79 14.89
C SER C 81 -0.31 -18.76 14.00
N ALA C 82 -1.31 -19.43 14.57
CA ALA C 82 -2.10 -20.39 13.81
C ALA C 82 -2.86 -19.71 12.67
N LEU C 83 -3.34 -18.50 12.91
CA LEU C 83 -4.07 -17.78 11.87
C LEU C 83 -3.12 -17.31 10.77
N SER C 84 -1.87 -17.05 11.14
CA SER C 84 -0.89 -16.62 10.15
C SER C 84 -0.56 -17.82 9.25
N ASP C 85 -0.46 -19.01 9.85
CA ASP C 85 -0.17 -20.22 9.09
C ASP C 85 -1.22 -20.34 7.99
N LEU C 86 -2.47 -20.15 8.38
CA LEU C 86 -3.59 -20.25 7.43
C LEU C 86 -3.61 -19.20 6.34
N HIS C 87 -3.66 -17.92 6.71
CA HIS C 87 -3.74 -16.85 5.72
C HIS C 87 -2.50 -16.58 4.89
N ALA C 88 -1.33 -16.66 5.51
CA ALA C 88 -0.07 -16.38 4.83
C ALA C 88 0.56 -17.58 4.13
N HIS C 89 0.65 -18.70 4.84
CA HIS C 89 1.27 -19.91 4.30
C HIS C 89 0.38 -20.71 3.35
N LYS C 90 -0.85 -20.97 3.74
CA LYS C 90 -1.76 -21.75 2.90
C LYS C 90 -2.56 -20.96 1.87
N LEU C 91 -3.39 -20.04 2.34
CA LEU C 91 -4.24 -19.24 1.46
C LEU C 91 -3.47 -18.19 0.66
N ARG C 92 -2.39 -17.68 1.23
CA ARG C 92 -1.58 -16.65 0.56
C ARG C 92 -2.47 -15.48 0.14
N VAL C 93 -3.22 -14.95 1.11
CA VAL C 93 -4.12 -13.83 0.87
C VAL C 93 -3.36 -12.55 0.53
N ASP C 94 -3.77 -11.88 -0.54
CA ASP C 94 -3.14 -10.63 -0.95
C ASP C 94 -3.48 -9.61 0.14
N PRO C 95 -2.47 -8.90 0.68
CA PRO C 95 -2.75 -7.92 1.73
C PRO C 95 -3.80 -6.87 1.38
N VAL C 96 -4.03 -6.64 0.09
CA VAL C 96 -5.02 -5.65 -0.30
C VAL C 96 -6.39 -6.05 0.25
N ASN C 97 -6.64 -7.36 0.33
CA ASN C 97 -7.91 -7.86 0.85
C ASN C 97 -8.08 -7.58 2.33
N PHE C 98 -6.98 -7.58 3.08
CA PHE C 98 -7.08 -7.29 4.50
C PHE C 98 -7.48 -5.83 4.69
N LYS C 99 -7.05 -4.97 3.77
CA LYS C 99 -7.41 -3.56 3.84
C LYS C 99 -8.91 -3.44 3.58
N LEU C 100 -9.42 -4.28 2.69
CA LEU C 100 -10.84 -4.27 2.37
C LEU C 100 -11.69 -4.73 3.54
N LEU C 101 -11.33 -5.86 4.14
CA LEU C 101 -12.11 -6.33 5.28
C LEU C 101 -11.98 -5.39 6.47
N SER C 102 -10.77 -4.86 6.71
CA SER C 102 -10.59 -3.95 7.85
C SER C 102 -11.49 -2.72 7.68
N HIS C 103 -11.56 -2.19 6.47
CA HIS C 103 -12.41 -1.04 6.18
C HIS C 103 -13.87 -1.43 6.43
N CYS C 104 -14.26 -2.62 6.01
CA CYS C 104 -15.64 -3.05 6.22
C CYS C 104 -15.96 -3.25 7.70
N LEU C 105 -14.96 -3.62 8.49
CA LEU C 105 -15.17 -3.80 9.92
C LEU C 105 -15.38 -2.42 10.53
N LEU C 106 -14.60 -1.44 10.07
CA LEU C 106 -14.77 -0.08 10.58
C LEU C 106 -16.16 0.44 10.21
N VAL C 107 -16.58 0.24 8.96
CA VAL C 107 -17.90 0.68 8.53
C VAL C 107 -18.98 0.05 9.41
N THR C 108 -18.82 -1.23 9.72
CA THR C 108 -19.79 -1.94 10.55
C THR C 108 -19.84 -1.35 11.96
N LEU C 109 -18.67 -1.08 12.53
CA LEU C 109 -18.61 -0.52 13.87
C LEU C 109 -19.22 0.88 13.87
N ALA C 110 -18.92 1.65 12.83
CA ALA C 110 -19.44 3.00 12.71
C ALA C 110 -20.97 2.99 12.61
N ALA C 111 -21.50 1.97 11.94
CA ALA C 111 -22.94 1.85 11.77
C ALA C 111 -23.68 1.38 13.01
N HIS C 112 -22.98 0.69 13.91
CA HIS C 112 -23.58 0.16 15.14
C HIS C 112 -23.24 0.87 16.45
N LEU C 113 -22.07 1.50 16.51
CA LEU C 113 -21.64 2.18 17.73
C LEU C 113 -21.21 3.62 17.45
N PRO C 114 -22.15 4.45 16.97
CA PRO C 114 -21.86 5.85 16.64
C PRO C 114 -21.19 6.64 17.77
N ALA C 115 -21.65 6.46 19.00
CA ALA C 115 -21.10 7.18 20.14
C ALA C 115 -19.65 6.80 20.44
N GLU C 116 -19.30 5.54 20.17
CA GLU C 116 -17.94 5.05 20.42
C GLU C 116 -16.98 5.33 19.28
N PHE C 117 -17.52 5.47 18.07
CA PHE C 117 -16.70 5.70 16.89
C PHE C 117 -16.21 7.14 16.70
N THR C 118 -15.42 7.62 17.66
CA THR C 118 -14.88 8.98 17.60
C THR C 118 -13.66 8.98 16.67
N PRO C 119 -13.22 10.16 16.23
CA PRO C 119 -12.04 10.23 15.35
C PRO C 119 -10.82 9.54 15.96
N ALA C 120 -10.60 9.75 17.26
CA ALA C 120 -9.46 9.14 17.94
C ALA C 120 -9.59 7.61 17.99
N VAL C 121 -10.79 7.12 18.28
CA VAL C 121 -11.02 5.69 18.36
C VAL C 121 -10.95 5.07 16.97
N HIS C 122 -11.46 5.82 15.99
CA HIS C 122 -11.44 5.40 14.59
C HIS C 122 -9.97 5.20 14.20
N ALA C 123 -9.13 6.18 14.54
CA ALA C 123 -7.72 6.12 14.23
C ALA C 123 -7.05 4.91 14.89
N SER C 124 -7.35 4.67 16.16
CA SER C 124 -6.76 3.55 16.88
C SER C 124 -7.20 2.19 16.32
N LEU C 125 -8.47 2.06 15.99
CA LEU C 125 -8.97 0.81 15.45
C LEU C 125 -8.32 0.52 14.09
N ASP C 126 -8.08 1.57 13.32
CA ASP C 126 -7.46 1.38 12.02
C ASP C 126 -6.06 0.83 12.15
N LYS C 127 -5.30 1.35 13.12
CA LYS C 127 -3.93 0.90 13.34
C LYS C 127 -3.92 -0.53 13.84
N PHE C 128 -4.86 -0.84 14.74
CA PHE C 128 -4.99 -2.18 15.29
C PHE C 128 -5.27 -3.18 14.18
N LEU C 129 -6.26 -2.88 13.34
CA LEU C 129 -6.59 -3.80 12.25
C LEU C 129 -5.43 -3.94 11.27
N ALA C 130 -4.69 -2.86 11.04
CA ALA C 130 -3.54 -2.92 10.14
C ALA C 130 -2.48 -3.84 10.75
N SER C 131 -2.31 -3.76 12.07
CA SER C 131 -1.34 -4.61 12.76
C SER C 131 -1.76 -6.07 12.66
N VAL C 132 -3.04 -6.34 12.88
CA VAL C 132 -3.55 -7.70 12.78
C VAL C 132 -3.31 -8.22 11.36
N SER C 133 -3.55 -7.37 10.37
CA SER C 133 -3.37 -7.74 8.98
C SER C 133 -1.92 -8.09 8.67
N THR C 134 -1.01 -7.31 9.24
CA THR C 134 0.40 -7.56 9.00
C THR C 134 0.80 -8.92 9.56
N VAL C 135 0.29 -9.25 10.74
CA VAL C 135 0.60 -10.53 11.36
C VAL C 135 0.05 -11.68 10.52
N LEU C 136 -1.22 -11.58 10.12
CA LEU C 136 -1.84 -12.65 9.33
C LEU C 136 -1.29 -12.83 7.92
N THR C 137 -0.64 -11.81 7.37
CA THR C 137 -0.11 -11.92 6.01
C THR C 137 1.40 -12.15 5.97
N SER C 138 2.03 -12.30 7.13
CA SER C 138 3.47 -12.53 7.17
C SER C 138 3.78 -13.98 7.54
N LYS C 139 4.81 -14.54 6.92
CA LYS C 139 5.22 -15.91 7.24
C LYS C 139 6.43 -15.76 8.16
N TYR C 140 6.20 -15.89 9.46
CA TYR C 140 7.29 -15.74 10.41
C TYR C 140 7.76 -17.03 11.08
N ARG C 141 7.73 -18.12 10.32
CA ARG C 141 8.20 -19.42 10.79
C ARG C 141 8.28 -20.33 9.57
N VAL D 1 -17.85 5.92 -16.00
CA VAL D 1 -19.03 5.04 -16.23
C VAL D 1 -18.78 3.63 -15.66
N HIS D 2 -19.55 3.27 -14.64
CA HIS D 2 -19.40 1.95 -14.03
C HIS D 2 -20.55 1.51 -13.14
N LEU D 3 -21.29 2.46 -12.58
CA LEU D 3 -22.41 2.09 -11.72
C LEU D 3 -23.61 1.60 -12.50
N THR D 4 -24.31 0.61 -11.95
CA THR D 4 -25.51 0.08 -12.60
C THR D 4 -26.62 1.08 -12.33
N PRO D 5 -27.73 0.98 -13.06
CA PRO D 5 -28.84 1.91 -12.83
C PRO D 5 -29.28 1.87 -11.36
N GLU D 6 -29.33 0.69 -10.77
CA GLU D 6 -29.74 0.54 -9.38
C GLU D 6 -28.75 1.18 -8.42
N GLU D 7 -27.46 1.08 -8.73
CA GLU D 7 -26.44 1.66 -7.86
C GLU D 7 -26.56 3.18 -7.91
N LYS D 8 -26.84 3.72 -9.09
CA LYS D 8 -26.99 5.17 -9.22
C LYS D 8 -28.18 5.66 -8.40
N SER D 9 -29.29 4.93 -8.47
CA SER D 9 -30.49 5.30 -7.73
C SER D 9 -30.23 5.32 -6.22
N ALA D 10 -29.48 4.33 -5.74
CA ALA D 10 -29.16 4.23 -4.32
C ALA D 10 -28.26 5.39 -3.87
N VAL D 11 -27.22 5.66 -4.64
CA VAL D 11 -26.30 6.75 -4.33
C VAL D 11 -27.05 8.08 -4.31
N THR D 12 -27.83 8.34 -5.36
CA THR D 12 -28.59 9.57 -5.46
C THR D 12 -29.58 9.73 -4.31
N ALA D 13 -30.31 8.67 -3.99
CA ALA D 13 -31.29 8.70 -2.92
C ALA D 13 -30.67 9.05 -1.57
N LEU D 14 -29.54 8.44 -1.25
CA LEU D 14 -28.89 8.71 0.03
C LEU D 14 -28.27 10.10 0.07
N TRP D 15 -27.60 10.50 -1.01
CA TRP D 15 -26.95 11.80 -1.03
C TRP D 15 -27.92 12.95 -0.79
N GLY D 16 -29.18 12.75 -1.15
CA GLY D 16 -30.17 13.79 -0.92
C GLY D 16 -30.39 14.08 0.55
N LYS D 17 -29.99 13.13 1.41
CA LYS D 17 -30.18 13.29 2.85
C LYS D 17 -28.89 13.70 3.57
N VAL D 18 -27.82 13.86 2.82
CA VAL D 18 -26.53 14.24 3.38
C VAL D 18 -26.40 15.72 3.69
N ASN D 19 -25.92 16.03 4.88
CA ASN D 19 -25.73 17.42 5.29
C ASN D 19 -24.41 17.90 4.66
N VAL D 20 -24.53 18.63 3.56
CA VAL D 20 -23.38 19.15 2.84
C VAL D 20 -22.47 20.12 3.62
N ASP D 21 -22.95 20.61 4.76
CA ASP D 21 -22.17 21.55 5.57
C ASP D 21 -21.34 20.85 6.65
N GLU D 22 -21.67 19.60 6.95
CA GLU D 22 -20.99 18.85 8.00
C GLU D 22 -20.13 17.68 7.55
N VAL D 23 -20.66 16.84 6.67
CA VAL D 23 -19.95 15.65 6.22
C VAL D 23 -18.54 15.85 5.68
N GLY D 24 -18.36 16.88 4.86
CA GLY D 24 -17.05 17.14 4.28
C GLY D 24 -16.00 17.46 5.33
N GLY D 25 -16.36 18.31 6.29
CA GLY D 25 -15.43 18.67 7.34
C GLY D 25 -15.11 17.47 8.23
N GLU D 26 -16.11 16.62 8.42
CA GLU D 26 -15.94 15.43 9.23
C GLU D 26 -15.00 14.46 8.52
N ALA D 27 -15.18 14.31 7.21
CA ALA D 27 -14.35 13.41 6.42
C ALA D 27 -12.90 13.88 6.38
N LEU D 28 -12.70 15.16 6.06
CA LEU D 28 -11.34 15.71 6.00
C LEU D 28 -10.70 15.65 7.38
N GLY D 29 -11.47 16.00 8.41
CA GLY D 29 -10.95 15.97 9.75
C GLY D 29 -10.43 14.58 10.09
N ARG D 30 -11.25 13.56 9.85
CA ARG D 30 -10.84 12.19 10.15
C ARG D 30 -9.65 11.72 9.32
N LEU D 31 -9.53 12.21 8.08
CA LEU D 31 -8.40 11.83 7.25
C LEU D 31 -7.12 12.29 7.94
N LEU D 32 -7.15 13.54 8.42
CA LEU D 32 -6.02 14.15 9.11
C LEU D 32 -5.67 13.47 10.43
N VAL D 33 -6.69 12.94 11.10
CA VAL D 33 -6.49 12.28 12.38
C VAL D 33 -6.07 10.81 12.22
N VAL D 34 -6.75 10.10 11.32
CA VAL D 34 -6.48 8.70 11.09
C VAL D 34 -5.19 8.44 10.31
N TYR D 35 -4.87 9.33 9.38
CA TYR D 35 -3.66 9.19 8.58
C TYR D 35 -2.91 10.51 8.74
N PRO D 36 -2.29 10.69 9.92
CA PRO D 36 -1.53 11.88 10.31
C PRO D 36 -0.56 12.52 9.34
N TRP D 37 0.06 11.74 8.46
CA TRP D 37 1.01 12.33 7.52
C TRP D 37 0.32 13.30 6.56
N THR D 38 -0.98 13.12 6.36
CA THR D 38 -1.73 14.00 5.46
C THR D 38 -1.77 15.43 5.99
N GLN D 39 -1.50 15.59 7.28
CA GLN D 39 -1.50 16.91 7.90
C GLN D 39 -0.44 17.80 7.26
N ARG D 40 0.58 17.17 6.67
CA ARG D 40 1.67 17.90 6.04
C ARG D 40 1.22 18.76 4.86
N PHE D 41 0.14 18.36 4.19
CA PHE D 41 -0.36 19.12 3.05
C PHE D 41 -1.21 20.32 3.47
N PHE D 42 -1.47 20.43 4.78
CA PHE D 42 -2.29 21.52 5.30
C PHE D 42 -1.58 22.33 6.39
N GLU D 43 -0.32 22.65 6.14
CA GLU D 43 0.50 23.41 7.08
C GLU D 43 -0.07 24.77 7.47
N SER D 44 -0.67 25.46 6.52
CA SER D 44 -1.23 26.79 6.79
C SER D 44 -2.58 26.80 7.49
N PHE D 45 -3.16 25.62 7.70
CA PHE D 45 -4.48 25.52 8.33
C PHE D 45 -4.48 25.73 9.84
N GLY D 46 -3.29 25.86 10.43
CA GLY D 46 -3.22 26.09 11.85
C GLY D 46 -3.01 24.88 12.74
N ASP D 47 -3.65 24.91 13.90
CA ASP D 47 -3.55 23.84 14.88
C ASP D 47 -4.21 22.53 14.49
N LEU D 48 -3.39 21.51 14.29
CA LEU D 48 -3.84 20.17 13.92
C LEU D 48 -3.15 19.21 14.89
N SER D 49 -2.70 19.74 16.02
CA SER D 49 -1.96 18.99 17.03
C SER D 49 -2.68 17.87 17.78
N THR D 50 -4.01 17.89 17.80
CA THR D 50 -4.77 16.85 18.49
C THR D 50 -6.08 16.59 17.75
N PRO D 51 -6.71 15.43 18.00
CA PRO D 51 -7.97 15.11 17.34
C PRO D 51 -8.99 16.25 17.49
N ASP D 52 -9.24 16.68 18.72
CA ASP D 52 -10.20 17.76 18.95
C ASP D 52 -9.78 19.03 18.22
N ALA D 53 -8.49 19.33 18.22
CA ALA D 53 -8.00 20.53 17.54
C ALA D 53 -8.32 20.45 16.05
N VAL D 54 -8.06 19.28 15.46
CA VAL D 54 -8.34 19.09 14.04
C VAL D 54 -9.82 19.20 13.73
N MET D 55 -10.64 18.42 14.43
CA MET D 55 -12.08 18.42 14.20
C MET D 55 -12.75 19.77 14.47
N GLY D 56 -12.14 20.59 15.32
CA GLY D 56 -12.72 21.88 15.63
C GLY D 56 -12.10 23.06 14.86
N ASN D 57 -11.13 22.75 14.01
CA ASN D 57 -10.45 23.77 13.21
C ASN D 57 -11.39 24.29 12.12
N PRO D 58 -11.68 25.60 12.15
CA PRO D 58 -12.57 26.25 11.17
C PRO D 58 -12.11 26.08 9.73
N LYS D 59 -10.80 26.16 9.51
CA LYS D 59 -10.27 26.02 8.17
C LYS D 59 -10.48 24.59 7.65
N VAL D 60 -10.44 23.62 8.54
CA VAL D 60 -10.65 22.23 8.16
C VAL D 60 -12.11 22.05 7.76
N LYS D 61 -13.02 22.61 8.57
CA LYS D 61 -14.44 22.51 8.28
C LYS D 61 -14.77 23.23 6.98
N ALA D 62 -14.21 24.42 6.79
CA ALA D 62 -14.47 25.19 5.58
C ALA D 62 -13.95 24.48 4.35
N HIS D 63 -12.75 23.91 4.44
CA HIS D 63 -12.22 23.21 3.28
C HIS D 63 -13.02 21.95 2.98
N GLY D 64 -13.41 21.24 4.03
CA GLY D 64 -14.19 20.02 3.86
C GLY D 64 -15.45 20.30 3.08
N LYS D 65 -16.02 21.49 3.28
CA LYS D 65 -17.23 21.86 2.56
C LYS D 65 -16.95 21.92 1.06
N LYS D 66 -15.76 22.40 0.69
CA LYS D 66 -15.39 22.49 -0.73
C LYS D 66 -15.15 21.10 -1.28
N VAL D 67 -14.51 20.25 -0.49
CA VAL D 67 -14.22 18.87 -0.88
C VAL D 67 -15.53 18.14 -1.14
N LEU D 68 -16.50 18.33 -0.25
CA LEU D 68 -17.80 17.70 -0.37
C LEU D 68 -18.50 18.23 -1.61
N GLY D 69 -18.35 19.53 -1.86
CA GLY D 69 -18.95 20.13 -3.03
C GLY D 69 -18.45 19.44 -4.28
N ALA D 70 -17.18 19.05 -4.28
CA ALA D 70 -16.59 18.37 -5.42
C ALA D 70 -17.19 16.97 -5.57
N PHE D 71 -17.40 16.28 -4.45
CA PHE D 71 -18.00 14.95 -4.48
C PHE D 71 -19.43 15.07 -5.02
N SER D 72 -20.15 16.11 -4.62
CA SER D 72 -21.52 16.32 -5.09
C SER D 72 -21.53 16.51 -6.60
N ASP D 73 -20.53 17.21 -7.12
CA ASP D 73 -20.40 17.46 -8.55
C ASP D 73 -20.21 16.12 -9.24
N GLY D 74 -19.37 15.27 -8.64
CA GLY D 74 -19.13 13.97 -9.20
C GLY D 74 -20.40 13.13 -9.26
N LEU D 75 -21.19 13.18 -8.19
CA LEU D 75 -22.43 12.42 -8.13
C LEU D 75 -23.48 12.88 -9.14
N ALA D 76 -23.33 14.11 -9.62
CA ALA D 76 -24.27 14.65 -10.60
C ALA D 76 -23.80 14.33 -12.02
N HIS D 77 -22.59 13.79 -12.13
CA HIS D 77 -22.02 13.43 -13.43
C HIS D 77 -21.25 12.12 -13.31
N LEU D 78 -21.92 11.11 -12.74
CA LEU D 78 -21.30 9.80 -12.53
C LEU D 78 -20.72 9.14 -13.78
N ASP D 79 -21.23 9.49 -14.95
CA ASP D 79 -20.73 8.90 -16.19
C ASP D 79 -19.51 9.62 -16.75
N ASN D 80 -19.16 10.76 -16.16
CA ASN D 80 -18.00 11.53 -16.60
C ASN D 80 -17.21 12.09 -15.42
N LEU D 81 -16.70 11.20 -14.58
CA LEU D 81 -15.92 11.62 -13.42
C LEU D 81 -14.56 12.16 -13.82
N LYS D 82 -14.01 11.63 -14.92
CA LYS D 82 -12.71 12.08 -15.41
C LYS D 82 -12.73 13.56 -15.76
N GLY D 83 -13.76 13.98 -16.48
CA GLY D 83 -13.87 15.38 -16.85
C GLY D 83 -14.25 16.26 -15.68
N THR D 84 -15.14 15.76 -14.84
CA THR D 84 -15.60 16.52 -13.68
C THR D 84 -14.44 16.87 -12.74
N PHE D 85 -13.48 15.97 -12.63
CA PHE D 85 -12.33 16.18 -11.74
C PHE D 85 -11.01 16.49 -12.45
N ALA D 86 -11.09 16.76 -13.76
CA ALA D 86 -9.88 17.06 -14.53
C ALA D 86 -9.03 18.16 -13.93
N THR D 87 -9.64 19.30 -13.63
CA THR D 87 -8.93 20.43 -13.06
C THR D 87 -8.30 20.11 -11.70
N LEU D 88 -9.06 19.41 -10.86
CA LEU D 88 -8.57 19.02 -9.54
C LEU D 88 -7.43 18.03 -9.65
N SER D 89 -7.44 17.21 -10.70
CA SER D 89 -6.38 16.22 -10.89
C SER D 89 -5.05 16.90 -11.13
N GLU D 90 -5.06 17.98 -11.92
CA GLU D 90 -3.82 18.71 -12.20
C GLU D 90 -3.29 19.30 -10.90
N LEU D 91 -4.19 19.85 -10.08
CA LEU D 91 -3.80 20.44 -8.81
C LEU D 91 -3.18 19.44 -7.85
N HIS D 92 -3.90 18.35 -7.58
CA HIS D 92 -3.41 17.34 -6.65
C HIS D 92 -2.20 16.55 -7.12
N CYS D 93 -2.15 16.25 -8.41
CA CYS D 93 -1.05 15.48 -8.97
C CYS D 93 0.15 16.30 -9.41
N ASP D 94 -0.06 17.15 -10.40
CA ASP D 94 1.02 17.98 -10.94
C ASP D 94 1.58 19.02 -9.97
N LYS D 95 0.71 19.69 -9.22
CA LYS D 95 1.17 20.71 -8.28
C LYS D 95 1.45 20.25 -6.85
N LEU D 96 0.46 19.63 -6.21
CA LEU D 96 0.60 19.18 -4.82
C LEU D 96 1.37 17.88 -4.63
N HIS D 97 1.42 17.06 -5.66
CA HIS D 97 2.14 15.78 -5.58
C HIS D 97 1.61 14.86 -4.49
N VAL D 98 0.29 14.86 -4.31
CA VAL D 98 -0.34 14.00 -3.30
C VAL D 98 -0.32 12.58 -3.86
N ASP D 99 0.23 11.63 -3.10
CA ASP D 99 0.26 10.25 -3.58
C ASP D 99 -1.17 9.75 -3.72
N PRO D 100 -1.50 9.15 -4.88
CA PRO D 100 -2.84 8.63 -5.15
C PRO D 100 -3.45 7.70 -4.10
N GLU D 101 -2.63 7.00 -3.33
CA GLU D 101 -3.17 6.11 -2.30
C GLU D 101 -3.98 6.94 -1.31
N ASN D 102 -3.61 8.20 -1.14
CA ASN D 102 -4.33 9.07 -0.21
C ASN D 102 -5.73 9.41 -0.72
N PHE D 103 -5.93 9.39 -2.04
CA PHE D 103 -7.25 9.66 -2.61
C PHE D 103 -8.18 8.53 -2.21
N ARG D 104 -7.68 7.30 -2.27
CA ARG D 104 -8.44 6.12 -1.92
C ARG D 104 -8.78 6.16 -0.43
N LEU D 105 -7.83 6.62 0.37
CA LEU D 105 -8.03 6.71 1.80
C LEU D 105 -9.13 7.69 2.15
N LEU D 106 -9.09 8.88 1.55
CA LEU D 106 -10.12 9.89 1.83
C LEU D 106 -11.48 9.33 1.42
N GLY D 107 -11.52 8.64 0.29
CA GLY D 107 -12.76 8.05 -0.17
C GLY D 107 -13.35 7.10 0.86
N ASN D 108 -12.53 6.23 1.43
CA ASN D 108 -13.02 5.27 2.42
C ASN D 108 -13.34 5.94 3.75
N VAL D 109 -12.69 7.05 4.04
CA VAL D 109 -13.00 7.76 5.28
C VAL D 109 -14.40 8.37 5.09
N LEU D 110 -14.69 8.85 3.87
CA LEU D 110 -16.01 9.42 3.61
C LEU D 110 -17.05 8.34 3.82
N VAL D 111 -16.76 7.14 3.33
CA VAL D 111 -17.69 6.02 3.49
C VAL D 111 -17.92 5.73 4.99
N CYS D 112 -16.86 5.77 5.79
CA CYS D 112 -17.00 5.54 7.22
C CYS D 112 -17.89 6.62 7.84
N VAL D 113 -17.72 7.86 7.38
CA VAL D 113 -18.50 8.98 7.88
C VAL D 113 -19.98 8.81 7.52
N LEU D 114 -20.24 8.31 6.32
CA LEU D 114 -21.62 8.10 5.89
C LEU D 114 -22.24 7.00 6.75
N ALA D 115 -21.46 5.95 7.03
CA ALA D 115 -21.93 4.86 7.85
C ALA D 115 -22.20 5.37 9.27
N HIS D 116 -21.31 6.22 9.77
CA HIS D 116 -21.45 6.78 11.10
C HIS D 116 -22.76 7.56 11.26
N HIS D 117 -23.05 8.40 10.29
CA HIS D 117 -24.26 9.21 10.33
C HIS D 117 -25.56 8.46 10.05
N PHE D 118 -25.56 7.62 9.02
CA PHE D 118 -26.76 6.89 8.65
C PHE D 118 -27.01 5.57 9.38
N GLY D 119 -25.97 5.01 9.98
CA GLY D 119 -26.12 3.76 10.71
C GLY D 119 -26.82 2.67 9.92
N LYS D 120 -27.83 2.05 10.53
CA LYS D 120 -28.58 0.96 9.91
C LYS D 120 -28.98 1.27 8.46
N GLU D 121 -29.24 2.54 8.18
CA GLU D 121 -29.64 2.96 6.85
C GLU D 121 -28.54 2.78 5.80
N PHE D 122 -27.28 2.74 6.26
CA PHE D 122 -26.16 2.56 5.34
C PHE D 122 -25.96 1.06 5.17
N THR D 123 -26.90 0.45 4.47
CA THR D 123 -26.89 -0.99 4.23
C THR D 123 -25.75 -1.44 3.33
N PRO D 124 -25.45 -2.75 3.32
CA PRO D 124 -24.37 -3.26 2.48
C PRO D 124 -24.52 -2.87 1.01
N PRO D 125 -25.74 -2.95 0.44
CA PRO D 125 -25.90 -2.57 -0.96
C PRO D 125 -25.59 -1.10 -1.18
N VAL D 126 -26.02 -0.26 -0.25
CA VAL D 126 -25.77 1.17 -0.35
C VAL D 126 -24.26 1.41 -0.30
N GLN D 127 -23.58 0.69 0.60
CA GLN D 127 -22.13 0.83 0.72
C GLN D 127 -21.44 0.42 -0.57
N ALA D 128 -21.86 -0.72 -1.13
CA ALA D 128 -21.26 -1.23 -2.36
C ALA D 128 -21.34 -0.17 -3.47
N ALA D 129 -22.49 0.48 -3.58
CA ALA D 129 -22.68 1.51 -4.59
C ALA D 129 -21.71 2.66 -4.33
N TYR D 130 -21.61 3.08 -3.08
CA TYR D 130 -20.70 4.16 -2.75
C TYR D 130 -19.23 3.82 -2.94
N GLN D 131 -18.87 2.55 -2.74
CA GLN D 131 -17.47 2.17 -2.96
C GLN D 131 -17.14 2.38 -4.44
N LYS D 132 -18.14 2.20 -5.31
CA LYS D 132 -17.93 2.41 -6.74
C LYS D 132 -17.67 3.89 -6.98
N VAL D 133 -18.48 4.72 -6.33
CA VAL D 133 -18.34 6.17 -6.46
C VAL D 133 -16.97 6.69 -6.00
N VAL D 134 -16.58 6.37 -4.77
CA VAL D 134 -15.29 6.86 -4.27
C VAL D 134 -14.09 6.30 -5.02
N ALA D 135 -14.21 5.07 -5.53
CA ALA D 135 -13.11 4.49 -6.30
C ALA D 135 -13.01 5.27 -7.62
N GLY D 136 -14.16 5.63 -8.17
CA GLY D 136 -14.19 6.37 -9.41
C GLY D 136 -13.63 7.77 -9.25
N VAL D 137 -13.93 8.40 -8.12
CA VAL D 137 -13.44 9.74 -7.84
C VAL D 137 -11.94 9.70 -7.62
N ALA D 138 -11.46 8.68 -6.92
CA ALA D 138 -10.03 8.56 -6.66
C ALA D 138 -9.28 8.35 -7.97
N ASN D 139 -9.82 7.48 -8.82
CA ASN D 139 -9.21 7.18 -10.10
C ASN D 139 -9.15 8.43 -10.97
N ALA D 140 -10.23 9.20 -10.96
CA ALA D 140 -10.31 10.43 -11.74
C ALA D 140 -9.25 11.44 -11.28
N LEU D 141 -9.10 11.56 -9.97
CA LEU D 141 -8.12 12.48 -9.38
C LEU D 141 -6.69 12.09 -9.71
N ALA D 142 -6.44 10.80 -9.88
CA ALA D 142 -5.10 10.31 -10.19
C ALA D 142 -4.88 10.26 -11.70
N HIS D 143 -5.89 10.65 -12.46
CA HIS D 143 -5.82 10.63 -13.92
C HIS D 143 -4.56 11.25 -14.49
N LYS D 144 -4.14 12.40 -13.94
CA LYS D 144 -2.94 13.06 -14.44
C LYS D 144 -1.71 12.18 -14.19
N TYR D 145 -1.87 11.18 -13.35
CA TYR D 145 -0.79 10.25 -13.03
C TYR D 145 -0.76 9.11 -14.05
N HIS D 146 -1.84 9.00 -14.82
CA HIS D 146 -1.94 7.94 -15.82
C HIS D 146 -1.46 8.45 -17.18
C CMO E . 16.26 9.79 5.94
O CMO E . 16.94 9.80 4.91
CHA HEM F . 16.65 12.28 9.04
CHB HEM F . 16.94 7.42 9.11
CHC HEM F . 13.47 7.23 5.68
CHD HEM F . 13.32 12.07 5.49
C1A HEM F . 17.06 10.97 9.32
C2A HEM F . 18.12 10.61 10.25
C3A HEM F . 18.21 9.26 10.27
C4A HEM F . 17.20 8.77 9.36
CMA HEM F . 19.27 8.43 11.02
CAA HEM F . 19.01 11.56 11.03
CBA HEM F . 18.45 11.92 12.40
CGA HEM F . 19.45 12.71 13.22
O1A HEM F . 20.43 12.12 13.71
O2A HEM F . 19.24 13.94 13.39
C1B HEM F . 16.00 6.93 8.18
C2B HEM F . 15.73 5.52 7.90
C3B HEM F . 14.72 5.46 6.97
C4B HEM F . 14.41 6.85 6.63
CMB HEM F . 16.47 4.35 8.53
CAB HEM F . 14.07 4.32 6.44
CBB HEM F . 14.71 3.07 6.13
C1C HEM F . 13.16 8.53 5.30
C2C HEM F . 12.26 8.88 4.21
C3C HEM F . 12.23 10.24 4.12
C4C HEM F . 13.10 10.73 5.19
CMC HEM F . 11.49 7.87 3.34
CAC HEM F . 11.53 11.03 3.21
CBC HEM F . 11.72 10.97 1.78
C1D HEM F . 14.20 12.54 6.46
C2D HEM F . 14.45 13.95 6.72
C3D HEM F . 15.36 13.99 7.71
C4D HEM F . 15.69 12.64 8.07
CMD HEM F . 13.76 15.13 6.04
CAD HEM F . 15.88 15.27 8.35
CBD HEM F . 17.24 15.58 7.75
CGD HEM F . 17.86 16.81 8.38
O1D HEM F . 17.30 17.91 8.18
O2D HEM F . 18.88 16.68 9.09
NA HEM F . 16.51 9.84 8.77
NB HEM F . 15.20 7.73 7.38
NC HEM F . 13.68 9.67 5.88
ND HEM F . 14.97 11.76 7.29
FE HEM F . 15.06 9.75 7.37
C1 8MV G . 6.90 -8.32 9.51
C1 8MV G . 6.93 -8.45 9.36
C2 8MV G . 6.54 -7.41 8.38
C2 8MV G . 6.56 -7.65 8.14
C3 8MV G . 7.15 -7.50 7.10
C3 8MV G . 7.27 -7.75 6.91
C4 8MV G . 6.46 -6.45 6.44
C4 8MV G . 6.51 -6.80 6.15
C5 8MV G . 5.55 -5.84 7.26
C5 8MV G . 5.50 -6.27 6.90
C7 8MV G . 4.63 -4.69 6.95
C7 8MV G . 4.47 -5.24 6.53
C9 8MV G . 2.40 -4.83 6.12
C9 8MV G . 4.83 -3.60 8.26
C11 8MV G . 2.01 -3.38 6.19
C11 8MV G . 6.11 -3.61 9.01
O6 8MV G . 5.55 -6.40 8.51
O6 8MV G . 5.48 -6.77 8.17
O8 8MV G . 3.70 -5.09 5.89
O8 8MV G . 4.95 -3.92 6.94
O10 8MV G . 1.56 -5.71 6.26
O10 8MV G . 3.77 -3.31 8.81
C CMO H . 2.84 -12.01 -15.67
O CMO H . 3.76 -12.67 -15.18
CHA HEM I . 0.22 -13.58 -18.35
CHB HEM I . 3.14 -9.68 -18.89
CHC HEM I . 2.33 -8.48 -14.22
CHD HEM I . -0.21 -12.56 -13.61
C1A HEM I . 1.09 -12.63 -18.89
C2A HEM I . 1.56 -12.62 -20.26
C3A HEM I . 2.39 -11.57 -20.41
C4A HEM I . 2.45 -10.89 -19.14
CMA HEM I . 3.20 -11.25 -21.67
CAA HEM I . 1.21 -13.63 -21.35
CBA HEM I . -0.12 -13.26 -21.99
CGA HEM I . -0.45 -14.12 -23.19
O1A HEM I . -1.54 -13.95 -23.76
O2A HEM I . 0.40 -14.96 -23.57
C1B HEM I . 3.15 -9.00 -17.66
C2B HEM I . 3.83 -7.73 -17.42
C3B HEM I . 3.58 -7.34 -16.15
C4B HEM I . 2.73 -8.40 -15.57
CMB HEM I . 4.68 -6.95 -18.43
CAB HEM I . 4.14 -6.19 -15.57
CBB HEM I . 3.47 -5.22 -14.79
C1C HEM I . 1.63 -9.53 -13.64
C2C HEM I . 1.37 -9.64 -12.22
C3C HEM I . 0.60 -10.75 -12.05
C4C HEM I . 0.44 -11.35 -13.37
CMC HEM I . 1.89 -8.70 -11.13
CAC HEM I . 0.04 -11.20 -10.86
CBC HEM I . 0.78 -11.40 -9.64
C1D HEM I . -0.27 -13.22 -14.84
C2D HEM I . -0.91 -14.50 -15.04
C3D HEM I . -0.85 -14.76 -16.37
C4D HEM I . -0.14 -13.66 -16.99
CMD HEM I . -1.57 -15.36 -13.96
CAD HEM I . -1.44 -16.00 -17.00
CBD HEM I . -0.40 -17.10 -17.11
CGD HEM I . -1.00 -18.41 -17.60
O1D HEM I . -1.76 -19.03 -16.83
O2D HEM I . -0.71 -18.80 -18.75
NA HEM I . 1.67 -11.55 -18.21
NB HEM I . 2.47 -9.41 -16.51
NC HEM I . 1.10 -10.60 -14.33
ND HEM I . 0.24 -12.73 -16.03
FE HEM I . 1.32 -11.04 -16.28
C CMO J . -11.55 -14.68 7.24
O CMO J . -12.70 -14.38 6.93
CHA HEM K . -10.50 -18.35 7.85
CHB HEM K . -9.80 -14.57 10.83
CHC HEM K . -9.09 -11.69 6.98
CHD HEM K . -9.79 -15.44 4.00
C1A HEM K . -10.40 -17.57 9.00
C2A HEM K . -10.67 -18.03 10.35
C3A HEM K . -10.49 -16.99 11.18
C4A HEM K . -10.10 -15.85 10.36
CMA HEM K . -10.67 -17.02 12.69
CAA HEM K . -11.09 -19.45 10.73
CBA HEM K . -9.89 -20.30 11.07
CGA HEM K . -10.29 -21.71 11.47
O1A HEM K . -10.74 -22.47 10.59
O2A HEM K . -10.14 -22.05 12.66
C1B HEM K . -9.48 -13.48 10.03
C2B HEM K . -9.20 -12.18 10.56
C3B HEM K . -8.98 -11.34 9.49
C4B HEM K . -9.15 -12.16 8.30
CMB HEM K . -9.10 -11.85 12.05
CAB HEM K . -8.62 -9.99 9.51
CBB HEM K . -9.29 -8.97 10.28
C1C HEM K . -9.26 -12.46 5.83
C2C HEM K . -9.21 -11.93 4.48
C3C HEM K . -9.43 -12.98 3.63
C4C HEM K . -9.58 -14.16 4.48
CMC HEM K . -8.98 -10.45 4.11
CAC HEM K . -9.52 -12.97 2.23
CBC HEM K . -10.28 -12.00 1.49
C1D HEM K . -10.03 -16.57 4.81
C2D HEM K . -10.34 -17.88 4.29
C3D HEM K . -10.49 -18.69 5.36
C4D HEM K . -10.34 -17.88 6.54
CMD HEM K . -10.43 -18.27 2.80
CAD HEM K . -10.73 -20.19 5.35
CBD HEM K . -12.13 -20.51 4.91
CGD HEM K . -12.36 -22.00 4.80
O1D HEM K . -12.66 -22.63 5.84
O2D HEM K . -12.23 -22.54 3.68
NA HEM K . -10.08 -16.22 9.01
NB HEM K . -9.43 -13.48 8.64
NC HEM K . -9.49 -13.83 5.82
ND HEM K . -10.04 -16.58 6.19
FE HEM K . -9.70 -15.06 7.41
C1 FUX L . 1.65 0.08 14.88
C1 FUX L . 1.87 -0.23 14.69
C2 FUX L . 1.14 0.18 13.47
C2 FUX L . 1.30 0.27 13.40
O3 FUX L . 0.54 1.36 12.98
O3 FUX L . 0.99 1.64 13.23
C4 FUX L . 0.23 0.98 11.68
C4 FUX L . 0.51 1.61 11.92
C5 FUX L . 0.61 -0.31 11.43
C5 FUX L . 0.52 0.37 11.39
C6 FUX L . 1.21 -0.91 12.57
C6 FUX L . 1.03 -0.59 12.32
C7 FUX L . -0.44 1.94 10.74
C7 FUX L . 0.04 2.88 11.27
O8 FUX L . -1.66 1.30 10.33
O8 FUX L . 1.03 3.90 11.57
C CMO M . -8.70 18.04 -0.37
O CMO M . -9.03 18.00 0.81
CHA HEM N . -7.67 21.38 -2.47
CHB HEM N . -11.13 18.10 -3.54
CHC HEM N . -8.27 14.56 -1.91
CHD HEM N . -4.98 17.84 -0.45
C1A HEM N . -8.88 20.79 -2.90
C2A HEM N . -10.03 21.51 -3.42
C3A HEM N . -11.01 20.60 -3.66
C4A HEM N . -10.46 19.31 -3.32
CMA HEM N . -12.41 20.86 -4.22
CAA HEM N . -10.09 23.00 -3.69
CBA HEM N . -9.47 23.35 -5.03
CGA HEM N . -9.35 24.85 -5.24
O1A HEM N . -10.39 25.54 -5.17
O2A HEM N . -8.23 25.33 -5.50
C1B HEM N . -10.62 16.85 -3.26
C2B HEM N . -11.35 15.62 -3.50
C3B HEM N . -10.55 14.60 -3.08
C4B HEM N . -9.31 15.23 -2.56
CMB HEM N . -12.75 15.47 -4.10
CAB HEM N . -10.97 13.26 -3.14
CBB HEM N . -10.14 12.09 -3.18
C1C HEM N . -7.17 15.14 -1.30
C2C HEM N . -6.19 14.42 -0.50
C3C HEM N . -5.22 15.33 -0.12
C4C HEM N . -5.64 16.61 -0.65
CMC HEM N . -6.30 12.94 -0.15
CAC HEM N . -4.00 15.12 0.56
CBC HEM N . -3.67 14.03 1.43
C1D HEM N . -5.44 19.08 -0.89
C2D HEM N . -4.73 20.33 -0.65
C3D HEM N . -5.47 21.30 -1.23
C4D HEM N . -6.64 20.68 -1.83
CMD HEM N . -3.42 20.53 0.10
CAD HEM N . -5.20 22.79 -1.20
CBD HEM N . -5.58 23.35 0.16
CGD HEM N . -5.25 24.82 0.26
O1D HEM N . -6.01 25.66 -0.26
O2D HEM N . -4.20 25.14 0.85
NA HEM N . -9.17 19.44 -2.84
NB HEM N . -9.38 16.61 -2.69
NC HEM N . -6.85 16.50 -1.36
ND HEM N . -6.61 19.32 -1.59
FE HEM N . -7.99 17.97 -2.11
#